data_8W8R
#
_entry.id   8W8R
#
_cell.length_a   1.00
_cell.length_b   1.00
_cell.length_c   1.00
_cell.angle_alpha   90.00
_cell.angle_beta   90.00
_cell.angle_gamma   90.00
#
_symmetry.space_group_name_H-M   'P 1'
#
loop_
_entity.id
_entity.type
_entity.pdbx_description
1 polymer 'Guanine nucleotide-binding protein G(i) subunit alpha-1,Guanine nucleotide-binding protein G(s) subunit'
2 polymer 'Guanine nucleotide-binding protein G(I)/G(S)/G(T) subunit beta-1'
3 polymer 'Probable G-protein coupled receptor 101'
4 polymer Scfv16
5 polymer 'Guanine nucleotide-binding protein G(I)/G(S)/G(O) subunit gamma-2'
6 non-polymer 1-(4-methylpyridin-2-yl)-3-[3-(trifluoromethyl)phenyl]thiourea
#
loop_
_entity_poly.entity_id
_entity_poly.type
_entity_poly.pdbx_seq_one_letter_code
_entity_poly.pdbx_strand_id
1 'polypeptide(L)'
;MMGCTLSAEDKAAVERSKMIEKQLQKDKQVYRATHRLLLLGADNSGKSTIVKQMRIYHVNGYSEEECKQYKAVVYSNTIQ
SIIAIIRAMGRLKIDFGDSARADDARQLFVLAGAAEEGFMTAELAGVIKRLWKDSGVQACFNRSREYQLNDSAAYYLNDL
DRIAQPNYIPTQQDVLRTRVKTSGIFETKFQVDKVNFHMFDVGAQRDERRKWIQCFNDVTAIIFVVDSSDYNRLQEALND
FKSIWNNRWLRTISVILFLNKQDLLAEKVLAGKSKIEDYFPEFARYTTPEDATPEPGEDPRVTRAKYFIRDEFLRISTAS
GDGRHYCYPHFTCSVDTENARRIFNDCRDIIQRMHLRQYELL
;
A
2 'polypeptide(L)'
;SGSELDQLRQEAEQLKNQIRDARKACADATLSQITNNIDPVGRIQMRTRRTLRGHLAKIYAMHWGTDSRLLVSASQDGKL
IIWDSYTTNKVHAIPLRSSWVMTCAYAPSGNYVACGGLDNICSIYNLKTREGNVRVSRELAGHTGYLSCCRFLDDNQIVT
SSGDTTCALWDIETGQQTTTFTGHTGDVMSLSLAPDTRLFVSGACDASAKLWDVREGMCRQTFTGHESDINAICFFPNGN
AFATGSDDATCRLFDLRADQELMTYSHDNIICGITSVSFSKSGRLLLAGYDDFNCNVWDALKADRAGVLAGHDNRVSCLG
VTDDGMAVATGSWDSFLKIWN
;
B
3 'polypeptide(L)'
;MTSTCTNSTRESNSSHTCMPLSKMPISLAHGIIRSTVLVIFLAASFVGNIVLALVLQRKPQLLQVTNRFIFNLLVTDLLQ
ISLVAPWVVATSVPLFWPLNSHFCTALVSLTHLFAFASVNTIVVVSVDRYLSIIHPLSYPSKMTQRRGYLLLYGTWIVAI
LQSTPPLYGWGQAAFDERNALCSMIWGASPSYTILSVVSFIVIPLIVMIACYSVVFCAARRQHALLYNVKRHSLEVRVKD
CVENEDEEGAEKKEEFQDESEFRRQHEGEVKAKEGRMEAKDGSLKAKEGSTGTSESSVEARGSEEVRESSTVASDGSMEG
KEGSTKVEENSMKADKGRTEVNQCSIDLGEDDMEFGEDDINFSEDDVEAVNIPESLPPSRRNSNSNPPLPRCYQCKAAKV
IFIIIFSYVLSLGPYCFLAVLAVWVDVETQVPQWVITIIIWLFFLQCCIHPYVYGYMHKTIKKEIQDMLKKFFCKEKPPK
EDSHPDLPGTEGGTEGKIVPSYDSATFP
;
R
4 'polypeptide(L)'
;MLLVNQSHQGFNKEHTSKMVSAIVLYVLLAAAAHSAFAVQLVESGGGLVQPGGSRKLSCSASGFAFSSFGMHWVRQAPEK
GLEWVAYISSGSGTIYYADTVKGRFTISRDDPKNTLFLQMTSLRSEDTAMYYCVRSIYYYGSSPFDFWGQGTTLTVSAGG
GGSGGGGSGGGGSADIVMTQATSSVPVTPGESVSISCRSSKSLLHSNGNTYLYWFLQRPGQSPQLLIYRMSNLASGVPDR
FSGSGSGTAFTLTISRLEAEDVGVYYCMQHLEYPLTFGAGTKLEL
;
S
5 'polypeptide(L)' NTASIAQARKLVEQLKMEANIDRIKVSKAAADLMAYCEAHAKEDPLLTPVPASENPFR Y
#
# COMPACT_ATOMS: atom_id res chain seq x y z
N THR A 5 -2.08 16.51 -24.56
CA THR A 5 -3.39 16.44 -23.92
C THR A 5 -3.41 17.22 -22.61
N LEU A 6 -2.51 16.84 -21.70
CA LEU A 6 -2.45 17.48 -20.38
C LEU A 6 -1.94 18.92 -20.52
N SER A 7 -2.45 19.78 -19.64
CA SER A 7 -2.01 21.17 -19.59
C SER A 7 -0.62 21.25 -18.96
N ALA A 8 -0.06 22.46 -18.97
CA ALA A 8 1.32 22.65 -18.54
C ALA A 8 1.52 22.32 -17.06
N GLU A 9 0.46 22.33 -16.27
CA GLU A 9 0.57 22.07 -14.84
C GLU A 9 0.23 20.63 -14.46
N ASP A 10 -0.52 19.92 -15.31
CA ASP A 10 -0.80 18.51 -15.04
C ASP A 10 0.48 17.66 -15.07
N LYS A 11 1.40 18.00 -15.97
CA LYS A 11 2.65 17.25 -16.09
C LYS A 11 3.50 17.40 -14.84
N ALA A 12 3.51 18.59 -14.23
CA ALA A 12 4.24 18.79 -12.99
C ALA A 12 3.65 17.94 -11.86
N ALA A 13 2.32 17.83 -11.80
CA ALA A 13 1.69 16.96 -10.82
C ALA A 13 2.07 15.50 -11.05
N VAL A 14 2.09 15.07 -12.31
CA VAL A 14 2.49 13.70 -12.62
C VAL A 14 3.92 13.44 -12.18
N GLU A 15 4.82 14.39 -12.45
CA GLU A 15 6.21 14.23 -12.03
C GLU A 15 6.34 14.17 -10.52
N ARG A 16 5.57 14.99 -9.81
CA ARG A 16 5.60 14.95 -8.34
C ARG A 16 5.15 13.58 -7.83
N SER A 17 4.09 13.02 -8.42
CA SER A 17 3.66 11.69 -8.03
C SER A 17 4.75 10.65 -8.30
N LYS A 18 5.44 10.79 -9.43
CA LYS A 18 6.53 9.86 -9.73
C LYS A 18 7.64 9.93 -8.68
N MET A 19 7.99 11.14 -8.25
CA MET A 19 9.01 11.28 -7.20
C MET A 19 8.56 10.63 -5.90
N ILE A 20 7.29 10.81 -5.55
CA ILE A 20 6.75 10.14 -4.35
C ILE A 20 6.87 8.63 -4.50
N GLU A 21 6.63 8.12 -5.71
CA GLU A 21 6.75 6.68 -5.96
C GLU A 21 8.18 6.19 -5.77
N LYS A 22 9.16 6.98 -6.23
CA LYS A 22 10.56 6.60 -6.05
C LYS A 22 10.91 6.51 -4.57
N GLN A 23 10.47 7.50 -3.78
CA GLN A 23 10.73 7.47 -2.35
C GLN A 23 10.06 6.25 -1.71
N LEU A 24 8.84 5.93 -2.14
CA LEU A 24 8.16 4.76 -1.61
C LEU A 24 8.91 3.48 -1.93
N GLN A 25 9.52 3.41 -3.12
CA GLN A 25 10.33 2.23 -3.45
C GLN A 25 11.52 2.09 -2.53
N LYS A 26 12.20 3.20 -2.23
CA LYS A 26 13.33 3.14 -1.29
C LYS A 26 12.86 2.66 0.09
N ASP A 27 11.72 3.20 0.55
CA ASP A 27 11.21 2.79 1.85
C ASP A 27 10.81 1.31 1.86
N LYS A 28 10.28 0.81 0.74
CA LYS A 28 9.95 -0.61 0.64
C LYS A 28 11.20 -1.47 0.76
N GLN A 29 12.29 -1.05 0.09
CA GLN A 29 13.54 -1.78 0.19
C GLN A 29 14.03 -1.83 1.63
N VAL A 30 13.94 -0.70 2.34
CA VAL A 30 14.37 -0.70 3.74
C VAL A 30 13.46 -1.55 4.61
N TYR A 31 12.14 -1.51 4.37
CA TYR A 31 11.17 -2.21 5.21
C TYR A 31 11.20 -3.72 5.01
N ARG A 32 11.60 -4.20 3.84
CA ARG A 32 11.60 -5.65 3.60
C ARG A 32 12.74 -6.37 4.32
N ALA A 33 13.78 -5.66 4.75
CA ALA A 33 14.99 -6.28 5.25
C ALA A 33 15.08 -6.39 6.76
N THR A 34 14.04 -6.01 7.49
CA THR A 34 14.02 -6.15 8.94
C THR A 34 12.99 -7.19 9.36
N HIS A 35 13.14 -7.70 10.58
CA HIS A 35 12.29 -8.75 11.11
C HIS A 35 11.62 -8.25 12.38
N ARG A 36 10.30 -8.37 12.44
CA ARG A 36 9.51 -7.94 13.59
C ARG A 36 9.06 -9.14 14.40
N LEU A 37 9.22 -9.05 15.71
CA LEU A 37 8.84 -10.11 16.64
C LEU A 37 7.93 -9.53 17.70
N LEU A 38 7.06 -10.37 18.28
CA LEU A 38 6.15 -9.93 19.33
C LEU A 38 6.49 -10.62 20.64
N LEU A 39 6.72 -9.84 21.69
CA LEU A 39 7.08 -10.36 23.00
C LEU A 39 5.85 -10.44 23.89
N LEU A 40 5.70 -11.56 24.59
CA LEU A 40 4.54 -11.80 25.44
C LEU A 40 4.95 -12.50 26.73
N GLY A 41 4.23 -12.20 27.80
CA GLY A 41 4.50 -12.77 29.09
C GLY A 41 3.74 -12.02 30.16
N ALA A 42 3.67 -12.65 31.35
CA ALA A 42 2.93 -12.10 32.46
C ALA A 42 3.84 -11.26 33.36
N ASP A 43 3.25 -10.70 34.42
CA ASP A 43 4.03 -9.92 35.38
C ASP A 43 4.60 -10.82 36.48
N ASN A 44 5.18 -11.93 36.05
CA ASN A 44 5.82 -12.88 36.93
C ASN A 44 7.17 -13.36 36.44
N SER A 45 7.46 -13.26 35.14
CA SER A 45 8.70 -13.70 34.56
C SER A 45 9.70 -12.56 34.46
N GLY A 46 10.88 -12.84 33.92
CA GLY A 46 11.91 -11.84 33.79
C GLY A 46 11.96 -11.21 32.43
N LYS A 47 10.77 -10.93 31.86
CA LYS A 47 10.70 -10.35 30.52
C LYS A 47 11.37 -8.98 30.47
N SER A 48 11.20 -8.18 31.53
CA SER A 48 11.86 -6.89 31.60
C SER A 48 13.39 -7.05 31.64
N THR A 49 13.88 -8.02 32.40
CA THR A 49 15.33 -8.24 32.45
C THR A 49 15.86 -8.77 31.12
N ILE A 50 15.10 -9.62 30.44
CA ILE A 50 15.51 -10.09 29.11
C ILE A 50 15.59 -8.92 28.15
N VAL A 51 14.65 -7.98 28.23
CA VAL A 51 14.72 -6.77 27.41
C VAL A 51 15.95 -5.94 27.78
N LYS A 52 16.22 -5.81 29.08
CA LYS A 52 17.33 -4.99 29.55
C LYS A 52 18.66 -5.54 29.05
N GLN A 53 18.81 -6.86 29.03
CA GLN A 53 20.07 -7.46 28.60
C GLN A 53 20.39 -7.08 27.16
N MET A 54 19.39 -7.18 26.27
CA MET A 54 19.64 -6.87 24.85
C MET A 54 19.74 -5.37 24.61
N ARG A 55 19.02 -4.56 25.39
CA ARG A 55 19.03 -3.12 25.14
C ARG A 55 20.35 -2.48 25.57
N ILE A 56 21.11 -3.14 26.44
CA ILE A 56 22.40 -2.64 26.89
C ILE A 56 23.55 -3.40 26.24
N TYR A 57 23.24 -4.27 25.27
CA TYR A 57 24.26 -5.07 24.59
C TYR A 57 23.92 -5.18 23.11
N VAL A 180 4.52 10.17 26.70
CA VAL A 180 5.34 9.12 27.26
C VAL A 180 4.79 8.69 28.61
N LYS A 181 3.96 9.54 29.21
CA LYS A 181 3.36 9.22 30.50
C LYS A 181 2.45 8.00 30.39
N THR A 182 1.70 7.89 29.30
CA THR A 182 0.77 6.78 29.09
C THR A 182 1.05 6.08 27.77
N SER A 183 2.32 5.78 27.51
CA SER A 183 2.69 5.13 26.25
C SER A 183 2.08 3.74 26.16
N GLY A 184 1.77 3.33 24.93
CA GLY A 184 1.06 2.08 24.71
C GLY A 184 1.95 0.91 24.32
N ILE A 185 2.99 1.16 23.54
CA ILE A 185 3.86 0.11 23.05
C ILE A 185 5.31 0.58 23.17
N PHE A 186 6.21 -0.36 23.43
CA PHE A 186 7.65 -0.09 23.51
C PHE A 186 8.38 -0.93 22.48
N GLU A 187 9.36 -0.32 21.82
CA GLU A 187 10.15 -0.99 20.79
C GLU A 187 11.63 -0.95 21.15
N THR A 188 12.29 -2.09 20.98
CA THR A 188 13.73 -2.20 21.15
C THR A 188 14.34 -2.84 19.92
N LYS A 189 15.43 -2.28 19.42
CA LYS A 189 16.10 -2.78 18.23
C LYS A 189 17.45 -3.36 18.61
N PHE A 190 17.81 -4.49 18.00
CA PHE A 190 19.14 -5.06 18.19
C PHE A 190 19.62 -5.69 16.89
N GLN A 191 20.84 -6.20 16.93
CA GLN A 191 21.54 -6.63 15.71
C GLN A 191 22.39 -7.85 16.02
N VAL A 192 22.22 -8.89 15.19
CA VAL A 192 23.01 -10.11 15.29
C VAL A 192 23.50 -10.43 13.89
N ASP A 193 24.83 -10.47 13.71
CA ASP A 193 25.45 -10.78 12.42
C ASP A 193 24.93 -9.86 11.32
N LYS A 194 24.86 -8.56 11.62
CA LYS A 194 24.41 -7.53 10.67
C LYS A 194 22.99 -7.80 10.18
N VAL A 195 22.11 -8.26 11.09
CA VAL A 195 20.70 -8.44 10.81
C VAL A 195 19.92 -7.69 11.89
N ASN A 196 18.95 -6.88 11.48
CA ASN A 196 18.24 -5.99 12.38
C ASN A 196 16.96 -6.66 12.87
N PHE A 197 16.74 -6.64 14.19
CA PHE A 197 15.56 -7.20 14.81
C PHE A 197 14.86 -6.11 15.62
N HIS A 198 13.55 -6.01 15.45
CA HIS A 198 12.71 -5.08 16.20
C HIS A 198 11.77 -5.89 17.08
N MET A 199 11.75 -5.56 18.37
CA MET A 199 10.91 -6.26 19.35
C MET A 199 9.94 -5.26 19.97
N PHE A 200 8.65 -5.60 19.93
CA PHE A 200 7.59 -4.75 20.46
C PHE A 200 6.94 -5.44 21.65
N ASP A 201 6.72 -4.69 22.72
CA ASP A 201 5.94 -5.18 23.85
C ASP A 201 4.95 -4.10 24.29
N VAL A 202 3.73 -4.51 24.59
CA VAL A 202 2.68 -3.55 24.92
C VAL A 202 2.92 -2.97 26.31
N GLY A 203 2.45 -1.75 26.51
CA GLY A 203 2.59 -1.08 27.79
C GLY A 203 1.26 -0.80 28.45
N ALA A 204 0.84 0.45 28.46
CA ALA A 204 -0.40 0.84 29.12
C ALA A 204 -1.61 0.41 28.31
N GLN A 205 -2.01 -0.85 28.46
CA GLN A 205 -3.16 -1.40 27.77
C GLN A 205 -4.03 -2.16 28.77
N ARG A 206 -5.30 -2.32 28.40
CA ARG A 206 -6.25 -3.03 29.26
C ARG A 206 -5.99 -4.54 29.20
N ASP A 207 -6.77 -5.28 30.00
CA ASP A 207 -6.55 -6.72 30.11
C ASP A 207 -7.06 -7.46 28.88
N GLU A 208 -8.21 -7.06 28.34
CA GLU A 208 -8.79 -7.74 27.19
C GLU A 208 -7.94 -7.48 25.95
N ARG A 209 -7.59 -8.55 25.23
CA ARG A 209 -6.61 -8.46 24.15
C ARG A 209 -7.09 -9.12 22.87
N ARG A 210 -8.38 -9.39 22.73
CA ARG A 210 -8.88 -10.08 21.54
C ARG A 210 -9.03 -9.16 20.35
N LYS A 211 -8.80 -7.85 20.51
CA LYS A 211 -9.01 -6.88 19.44
C LYS A 211 -7.72 -6.31 18.88
N TRP A 212 -6.73 -5.99 19.71
CA TRP A 212 -5.48 -5.46 19.22
C TRP A 212 -4.46 -6.54 18.89
N ILE A 213 -4.80 -7.81 19.12
CA ILE A 213 -3.90 -8.91 18.75
C ILE A 213 -3.94 -9.20 17.25
N GLN A 214 -4.87 -8.60 16.53
CA GLN A 214 -4.99 -8.82 15.09
C GLN A 214 -4.02 -7.98 14.27
N CYS A 215 -3.36 -7.00 14.89
CA CYS A 215 -2.35 -6.22 14.19
C CYS A 215 -1.07 -7.00 13.94
N PHE A 216 -0.83 -8.06 14.71
CA PHE A 216 0.42 -8.82 14.66
C PHE A 216 0.26 -10.13 13.93
N ASN A 217 -0.52 -10.16 12.86
CA ASN A 217 -0.75 -11.37 12.09
C ASN A 217 0.30 -11.59 10.99
N ASP A 218 1.31 -10.72 10.91
CA ASP A 218 2.37 -10.85 9.92
C ASP A 218 3.74 -10.61 10.55
N VAL A 219 3.94 -11.14 11.75
CA VAL A 219 5.23 -11.02 12.42
C VAL A 219 6.01 -12.31 12.18
N THR A 220 7.34 -12.20 12.30
CA THR A 220 8.18 -13.37 12.09
C THR A 220 7.97 -14.43 13.18
N ALA A 221 7.84 -14.01 14.43
CA ALA A 221 7.69 -14.96 15.52
C ALA A 221 7.11 -14.27 16.74
N ILE A 222 6.61 -15.09 17.66
CA ILE A 222 6.09 -14.63 18.95
C ILE A 222 6.95 -15.26 20.04
N ILE A 223 7.68 -14.45 20.78
CA ILE A 223 8.40 -14.91 21.96
C ILE A 223 7.44 -14.95 23.13
N PHE A 224 7.40 -16.08 23.83
CA PHE A 224 6.49 -16.30 24.96
C PHE A 224 7.33 -16.69 26.16
N VAL A 225 7.35 -15.84 27.19
CA VAL A 225 8.17 -16.06 28.38
C VAL A 225 7.31 -16.60 29.50
N VAL A 226 7.74 -17.71 30.11
CA VAL A 226 6.99 -18.36 31.18
C VAL A 226 7.91 -18.56 32.37
N ASP A 227 7.47 -18.14 33.56
CA ASP A 227 8.21 -18.34 34.80
C ASP A 227 7.88 -19.74 35.32
N SER A 228 8.81 -20.67 35.16
CA SER A 228 8.60 -22.06 35.52
C SER A 228 8.97 -22.38 36.96
N SER A 229 9.33 -21.36 37.75
CA SER A 229 9.73 -21.62 39.14
C SER A 229 8.54 -22.01 40.00
N ASP A 230 7.43 -21.27 39.87
CA ASP A 230 6.23 -21.53 40.70
C ASP A 230 5.17 -22.31 39.91
N TYR A 231 4.52 -23.28 40.57
CA TYR A 231 3.49 -24.14 39.96
C TYR A 231 2.11 -23.66 40.41
N ASN A 232 2.10 -22.60 41.21
CA ASN A 232 0.83 -22.05 41.76
C ASN A 232 -0.02 -21.48 40.62
N ARG A 233 0.64 -20.86 39.63
CA ARG A 233 -0.06 -20.25 38.49
C ARG A 233 0.56 -20.70 37.18
N LEU A 234 0.76 -22.00 37.03
CA LEU A 234 1.23 -22.57 35.77
C LEU A 234 0.09 -22.94 34.84
N GLN A 235 -1.07 -23.33 35.39
CA GLN A 235 -2.22 -23.64 34.55
C GLN A 235 -2.72 -22.39 33.82
N GLU A 236 -2.59 -21.22 34.44
CA GLU A 236 -2.92 -19.97 33.74
C GLU A 236 -2.01 -19.76 32.54
N ALA A 237 -0.71 -20.04 32.71
CA ALA A 237 0.22 -19.93 31.60
C ALA A 237 -0.12 -20.92 30.48
N LEU A 238 -0.50 -22.14 30.86
CA LEU A 238 -0.89 -23.13 29.86
C LEU A 238 -2.14 -22.68 29.10
N ASN A 239 -3.12 -22.13 29.82
CA ASN A 239 -4.32 -21.63 29.17
C ASN A 239 -4.00 -20.47 28.22
N ASP A 240 -3.10 -19.58 28.63
CA ASP A 240 -2.70 -18.47 27.78
C ASP A 240 -2.03 -18.97 26.52
N PHE A 241 -1.12 -19.95 26.66
CA PHE A 241 -0.45 -20.52 25.49
C PHE A 241 -1.45 -21.19 24.56
N LYS A 242 -2.42 -21.92 25.12
CA LYS A 242 -3.43 -22.57 24.29
C LYS A 242 -4.26 -21.54 23.55
N SER A 243 -4.64 -20.45 24.22
CA SER A 243 -5.42 -19.40 23.55
C SER A 243 -4.64 -18.76 22.42
N ILE A 244 -3.35 -18.50 22.64
CA ILE A 244 -2.54 -17.92 21.57
C ILE A 244 -2.39 -18.91 20.40
N TRP A 245 -2.20 -20.20 20.71
CA TRP A 245 -1.97 -21.19 19.67
C TRP A 245 -3.17 -21.31 18.74
N ASN A 246 -4.38 -21.42 19.31
CA ASN A 246 -5.60 -21.55 18.52
C ASN A 246 -6.22 -20.17 18.36
N ASN A 247 -6.04 -19.57 17.19
CA ASN A 247 -6.58 -18.25 16.90
C ASN A 247 -6.76 -18.12 15.40
N ARG A 248 -7.86 -17.47 15.01
CA ARG A 248 -8.19 -17.37 13.59
C ARG A 248 -7.12 -16.58 12.83
N TRP A 249 -6.62 -15.49 13.43
CA TRP A 249 -5.68 -14.62 12.74
C TRP A 249 -4.23 -14.89 13.08
N LEU A 250 -3.96 -15.71 14.10
CA LEU A 250 -2.58 -16.03 14.48
C LEU A 250 -2.14 -17.39 14.00
N ARG A 251 -2.72 -17.89 12.91
CA ARG A 251 -2.20 -19.08 12.26
C ARG A 251 -0.98 -18.72 11.41
N THR A 252 -0.19 -19.73 11.09
CA THR A 252 1.07 -19.58 10.36
C THR A 252 2.05 -18.67 11.09
N ILE A 253 1.95 -18.56 12.41
CA ILE A 253 2.87 -17.79 13.23
C ILE A 253 3.50 -18.74 14.24
N SER A 254 4.83 -18.76 14.30
CA SER A 254 5.56 -19.67 15.16
C SER A 254 5.92 -19.01 16.48
N VAL A 255 6.00 -19.84 17.52
CA VAL A 255 6.18 -19.39 18.89
C VAL A 255 7.53 -19.89 19.40
N ILE A 256 8.33 -19.00 19.95
CA ILE A 256 9.56 -19.33 20.64
C ILE A 256 9.29 -19.28 22.14
N LEU A 257 9.43 -20.42 22.81
CA LEU A 257 9.07 -20.55 24.21
C LEU A 257 10.32 -20.39 25.07
N PHE A 258 10.21 -19.57 26.12
CA PHE A 258 11.33 -19.31 27.04
C PHE A 258 10.91 -19.75 28.43
N LEU A 259 11.43 -20.90 28.87
CA LEU A 259 11.20 -21.39 30.24
C LEU A 259 12.18 -20.65 31.14
N ASN A 260 11.80 -19.44 31.53
CA ASN A 260 12.71 -18.55 32.25
C ASN A 260 12.81 -18.93 33.72
N LYS A 261 13.83 -18.39 34.38
CA LYS A 261 14.04 -18.55 35.82
C LYS A 261 14.10 -20.02 36.22
N GLN A 262 14.87 -20.80 35.47
CA GLN A 262 15.13 -22.18 35.85
C GLN A 262 16.35 -22.27 36.77
N ASP A 263 16.37 -21.41 37.75
CA ASP A 263 17.35 -21.35 38.83
C ASP A 263 16.67 -21.53 40.17
N LEU A 264 15.57 -20.79 40.41
CA LEU A 264 14.75 -21.04 41.59
C LEU A 264 14.02 -22.37 41.51
N LEU A 265 13.85 -22.92 40.31
CA LEU A 265 13.20 -24.22 40.17
C LEU A 265 14.01 -25.32 40.82
N ALA A 266 15.33 -25.33 40.57
CA ALA A 266 16.18 -26.36 41.17
C ALA A 266 16.21 -26.26 42.68
N GLU A 267 16.29 -25.03 43.21
CA GLU A 267 16.27 -24.84 44.66
C GLU A 267 14.93 -25.27 45.25
N LYS A 268 13.83 -24.95 44.58
CA LYS A 268 12.52 -25.36 45.06
C LYS A 268 12.38 -26.87 45.07
N VAL A 269 12.92 -27.55 44.05
CA VAL A 269 12.88 -29.01 44.03
C VAL A 269 13.78 -29.63 45.09
N LEU A 270 14.98 -29.09 45.30
CA LEU A 270 15.93 -29.64 46.26
C LEU A 270 15.51 -29.41 47.70
N ALA A 271 14.93 -28.25 48.01
CA ALA A 271 14.53 -27.95 49.38
C ALA A 271 13.47 -28.92 49.88
N GLY A 272 12.43 -29.13 49.08
CA GLY A 272 11.38 -30.07 49.41
C GLY A 272 10.23 -29.48 50.19
N LYS A 273 10.32 -28.22 50.61
CA LYS A 273 9.21 -27.60 51.33
C LYS A 273 7.98 -27.50 50.45
N SER A 274 8.17 -27.11 49.19
CA SER A 274 7.10 -27.09 48.20
C SER A 274 7.58 -27.87 46.98
N LYS A 275 6.73 -28.77 46.49
CA LYS A 275 7.11 -29.66 45.40
C LYS A 275 5.87 -30.05 44.62
N ILE A 276 6.09 -30.55 43.40
CA ILE A 276 4.99 -30.93 42.53
C ILE A 276 4.40 -32.24 43.03
N GLU A 277 3.35 -32.14 43.84
CA GLU A 277 2.67 -33.32 44.36
C GLU A 277 1.16 -33.26 44.13
N ASP A 278 0.56 -32.08 44.21
CA ASP A 278 -0.89 -31.94 44.11
C ASP A 278 -1.35 -30.93 43.07
N TYR A 279 -0.46 -30.07 42.57
CA TYR A 279 -0.86 -29.13 41.52
C TYR A 279 -1.27 -29.86 40.26
N PHE A 280 -0.49 -30.86 39.86
CA PHE A 280 -0.80 -31.70 38.71
C PHE A 280 -0.86 -33.15 39.17
N PRO A 281 -1.94 -33.87 38.85
CA PRO A 281 -2.07 -35.25 39.36
C PRO A 281 -1.31 -36.28 38.54
N GLU A 282 -0.82 -35.94 37.35
CA GLU A 282 -0.14 -36.90 36.49
C GLU A 282 1.34 -37.02 36.79
N PHE A 283 1.86 -36.28 37.76
CA PHE A 283 3.24 -36.48 38.17
C PHE A 283 3.35 -37.74 39.02
N ALA A 284 4.60 -38.17 39.24
CA ALA A 284 4.98 -39.44 39.86
C ALA A 284 4.63 -40.63 38.98
N ARG A 285 3.99 -40.40 37.83
CA ARG A 285 3.74 -41.44 36.83
C ARG A 285 4.38 -41.09 35.49
N TYR A 286 5.39 -40.24 35.51
CA TYR A 286 6.08 -39.77 34.31
C TYR A 286 7.55 -40.13 34.40
N THR A 287 8.10 -40.63 33.29
CA THR A 287 9.49 -41.03 33.20
C THR A 287 10.22 -40.13 32.20
N THR A 288 11.45 -39.78 32.53
CA THR A 288 12.23 -38.91 31.66
C THR A 288 12.49 -39.60 30.32
N PRO A 289 12.20 -38.95 29.20
CA PRO A 289 12.45 -39.58 27.90
C PRO A 289 13.93 -39.78 27.65
N GLU A 290 14.25 -40.79 26.83
CA GLU A 290 15.64 -41.13 26.56
C GLU A 290 16.22 -40.22 25.47
N ASP A 291 16.05 -38.92 25.64
CA ASP A 291 16.64 -37.93 24.74
C ASP A 291 17.27 -36.76 25.47
N ALA A 292 17.12 -36.65 26.78
CA ALA A 292 17.60 -35.49 27.52
C ALA A 292 19.12 -35.39 27.47
N THR A 293 19.61 -34.16 27.59
CA THR A 293 21.04 -33.87 27.68
C THR A 293 21.28 -33.01 28.92
N PRO A 294 21.16 -33.61 30.12
CA PRO A 294 21.24 -32.84 31.37
C PRO A 294 22.67 -32.69 31.89
N GLU A 295 23.55 -32.13 31.07
CA GLU A 295 24.94 -31.92 31.50
C GLU A 295 25.03 -31.01 32.72
N PRO A 296 24.36 -29.85 32.77
CA PRO A 296 24.44 -29.04 34.00
C PRO A 296 23.41 -29.51 35.02
N GLY A 297 23.91 -29.96 36.17
CA GLY A 297 23.02 -30.42 37.22
C GLY A 297 23.81 -30.97 38.39
N GLU A 298 23.14 -31.02 39.53
CA GLU A 298 23.70 -31.57 40.77
C GLU A 298 23.11 -32.91 41.15
N ASP A 299 21.84 -33.14 40.85
CA ASP A 299 21.18 -34.42 41.06
C ASP A 299 20.21 -34.65 39.91
N PRO A 300 19.91 -35.93 39.59
CA PRO A 300 18.97 -36.24 38.52
C PRO A 300 17.50 -36.20 38.94
N ARG A 301 17.11 -35.13 39.64
CA ARG A 301 15.73 -34.93 40.04
C ARG A 301 15.13 -33.64 39.51
N VAL A 302 15.96 -32.64 39.16
CA VAL A 302 15.44 -31.43 38.53
C VAL A 302 15.19 -31.64 37.04
N THR A 303 15.98 -32.50 36.40
CA THR A 303 15.81 -32.75 34.97
C THR A 303 14.43 -33.34 34.69
N ARG A 304 13.98 -34.28 35.53
CA ARG A 304 12.67 -34.87 35.34
C ARG A 304 11.57 -33.82 35.42
N ALA A 305 11.65 -32.93 36.42
CA ALA A 305 10.62 -31.91 36.58
C ALA A 305 10.61 -30.94 35.41
N LYS A 306 11.79 -30.45 35.00
CA LYS A 306 11.82 -29.47 33.93
C LYS A 306 11.39 -30.09 32.59
N TYR A 307 11.74 -31.35 32.35
CA TYR A 307 11.27 -31.99 31.14
C TYR A 307 9.77 -32.28 31.20
N PHE A 308 9.23 -32.51 32.40
CA PHE A 308 7.78 -32.62 32.54
C PHE A 308 7.10 -31.31 32.16
N ILE A 309 7.65 -30.18 32.61
CA ILE A 309 7.08 -28.88 32.24
C ILE A 309 7.14 -28.68 30.73
N ARG A 310 8.29 -29.01 30.13
CA ARG A 310 8.45 -28.86 28.69
C ARG A 310 7.45 -29.73 27.93
N ASP A 311 7.26 -30.96 28.40
CA ASP A 311 6.32 -31.91 27.74
C ASP A 311 4.90 -31.37 27.90
N GLU A 312 4.66 -30.56 28.93
CA GLU A 312 3.32 -29.98 29.18
C GLU A 312 2.94 -29.04 28.04
N PHE A 313 3.77 -28.02 27.80
CA PHE A 313 3.50 -27.03 26.72
C PHE A 313 3.59 -27.72 25.36
N LEU A 314 4.48 -28.71 25.23
CA LEU A 314 4.67 -29.41 23.93
C LEU A 314 3.44 -30.25 23.59
N ARG A 315 2.60 -30.58 24.57
CA ARG A 315 1.41 -31.38 24.25
C ARG A 315 0.35 -30.53 23.54
N ILE A 316 0.19 -29.27 23.97
CA ILE A 316 -0.78 -28.39 23.32
C ILE A 316 -0.39 -28.14 21.88
N SER A 317 0.89 -27.85 21.64
CA SER A 317 1.34 -27.55 20.29
C SER A 317 1.25 -28.77 19.38
N THR A 318 1.45 -29.97 19.91
CA THR A 318 1.40 -31.17 19.09
C THR A 318 -0.01 -31.72 18.91
N ALA A 319 -0.99 -31.23 19.65
CA ALA A 319 -2.36 -31.74 19.60
C ALA A 319 -3.27 -30.89 18.73
N SER A 320 -2.73 -29.90 18.02
CA SER A 320 -3.53 -28.99 17.20
C SER A 320 -2.98 -28.98 15.78
N GLY A 321 -3.47 -28.02 14.99
CA GLY A 321 -3.09 -27.90 13.60
C GLY A 321 -1.60 -27.81 13.37
N ASP A 322 -1.09 -28.60 12.44
CA ASP A 322 0.33 -28.69 12.15
C ASP A 322 0.59 -28.53 10.66
N GLY A 323 1.86 -28.35 10.32
CA GLY A 323 2.27 -28.07 8.97
C GLY A 323 2.32 -26.60 8.60
N ARG A 324 1.77 -25.73 9.45
CA ARG A 324 1.80 -24.29 9.24
C ARG A 324 2.74 -23.57 10.20
N HIS A 325 2.71 -23.94 11.48
CA HIS A 325 3.56 -23.30 12.49
C HIS A 325 3.98 -24.33 13.52
N TYR A 326 5.11 -24.06 14.17
CA TYR A 326 5.74 -25.00 15.09
C TYR A 326 6.08 -24.27 16.40
N CYS A 327 6.70 -25.01 17.33
CA CYS A 327 7.10 -24.47 18.62
C CYS A 327 8.56 -24.82 18.88
N TYR A 328 9.30 -23.87 19.44
CA TYR A 328 10.73 -24.01 19.67
C TYR A 328 11.04 -23.74 21.14
N PRO A 329 11.01 -24.76 21.99
CA PRO A 329 11.29 -24.56 23.42
C PRO A 329 12.77 -24.33 23.69
N HIS A 330 13.03 -23.72 24.84
CA HIS A 330 14.39 -23.45 25.30
C HIS A 330 14.40 -23.48 26.83
N PHE A 331 15.58 -23.67 27.39
CA PHE A 331 15.81 -23.57 28.83
C PHE A 331 16.73 -22.38 29.07
N THR A 332 16.16 -21.29 29.59
CA THR A 332 16.89 -20.05 29.75
C THR A 332 16.78 -19.57 31.19
N CYS A 333 17.78 -18.80 31.60
CA CYS A 333 17.74 -18.04 32.84
C CYS A 333 17.79 -16.56 32.49
N SER A 334 17.24 -15.73 33.38
CA SER A 334 17.02 -14.32 33.05
C SER A 334 18.34 -13.62 32.75
N VAL A 335 19.37 -13.87 33.55
CA VAL A 335 20.70 -13.31 33.30
C VAL A 335 21.48 -14.38 32.56
N ASP A 336 21.42 -14.31 31.23
CA ASP A 336 22.09 -15.26 30.35
C ASP A 336 22.84 -14.51 29.27
N THR A 337 23.92 -15.12 28.79
CA THR A 337 24.74 -14.48 27.76
C THR A 337 24.22 -14.73 26.36
N GLU A 338 23.69 -15.92 26.09
CA GLU A 338 23.29 -16.32 24.75
C GLU A 338 21.76 -16.35 24.69
N ASN A 339 21.16 -15.20 24.39
CA ASN A 339 19.72 -15.10 24.18
C ASN A 339 19.36 -14.58 22.80
N ALA A 340 20.18 -13.70 22.21
CA ALA A 340 19.94 -13.24 20.85
C ALA A 340 20.30 -14.29 19.81
N ARG A 341 21.28 -15.14 20.12
CA ARG A 341 21.68 -16.19 19.18
C ARG A 341 20.59 -17.24 19.02
N ARG A 342 19.89 -17.58 20.11
CA ARG A 342 18.78 -18.52 20.01
C ARG A 342 17.68 -18.00 19.11
N ILE A 343 17.34 -16.71 19.26
CA ILE A 343 16.34 -16.09 18.39
C ILE A 343 16.80 -16.09 16.95
N PHE A 344 18.08 -15.75 16.72
CA PHE A 344 18.63 -15.79 15.38
C PHE A 344 18.48 -17.17 14.75
N ASN A 345 18.88 -18.21 15.49
CA ASN A 345 18.80 -19.57 14.97
C ASN A 345 17.36 -19.98 14.67
N ASP A 346 16.44 -19.66 15.57
CA ASP A 346 15.06 -20.06 15.38
C ASP A 346 14.42 -19.35 14.19
N CYS A 347 14.72 -18.06 14.01
CA CYS A 347 14.20 -17.34 12.84
C CYS A 347 14.77 -17.89 11.55
N ARG A 348 16.07 -18.25 11.56
CA ARG A 348 16.66 -18.90 10.41
C ARG A 348 15.92 -20.18 10.07
N ASP A 349 15.64 -21.00 11.09
CA ASP A 349 14.91 -22.25 10.86
C ASP A 349 13.52 -21.99 10.31
N ILE A 350 12.82 -20.99 10.84
CA ILE A 350 11.46 -20.70 10.40
C ILE A 350 11.43 -20.33 8.93
N ILE A 351 12.30 -19.39 8.53
CA ILE A 351 12.31 -18.95 7.14
C ILE A 351 12.74 -20.09 6.22
N GLN A 352 13.74 -20.87 6.63
CA GLN A 352 14.18 -21.99 5.79
C GLN A 352 13.07 -23.01 5.60
N ARG A 353 12.32 -23.33 6.66
CA ARG A 353 11.24 -24.28 6.53
C ARG A 353 10.15 -23.76 5.60
N MET A 354 9.82 -22.47 5.70
CA MET A 354 8.81 -21.91 4.80
C MET A 354 9.26 -22.02 3.34
N HIS A 355 10.51 -21.66 3.08
CA HIS A 355 11.00 -21.69 1.70
C HIS A 355 11.12 -23.11 1.16
N LEU A 356 11.46 -24.04 2.06
CA LEU A 356 11.61 -25.48 1.68
C LEU A 356 10.23 -26.12 1.52
N ARG A 357 9.18 -25.47 2.02
CA ARG A 357 7.81 -26.04 1.90
C ARG A 357 7.12 -25.40 0.69
N GLN A 358 7.61 -24.25 0.23
CA GLN A 358 6.98 -23.54 -0.92
C GLN A 358 7.44 -24.21 -2.23
N TYR A 359 8.43 -25.10 -2.15
CA TYR A 359 8.97 -25.74 -3.35
C TYR A 359 8.69 -27.24 -3.38
N GLU A 360 7.83 -27.75 -2.51
CA GLU A 360 7.48 -29.16 -2.38
C GLU A 360 8.65 -30.03 -1.96
N LEU A 361 9.79 -29.44 -1.58
CA LEU A 361 10.92 -30.22 -1.09
C LEU A 361 10.73 -30.74 0.32
N LEU A 362 9.71 -30.26 1.03
CA LEU A 362 9.46 -30.69 2.41
C LEU A 362 8.02 -30.42 2.80
N GLN B 7 -29.70 -4.47 46.65
CA GLN B 7 -30.95 -3.71 46.68
C GLN B 7 -31.12 -2.89 45.40
N LEU B 8 -30.01 -2.45 44.81
CA LEU B 8 -30.08 -1.68 43.58
C LEU B 8 -30.25 -2.57 42.36
N ARG B 9 -29.86 -3.84 42.47
CA ARG B 9 -30.04 -4.77 41.35
C ARG B 9 -31.52 -4.95 41.02
N GLN B 10 -32.36 -5.08 42.05
CA GLN B 10 -33.79 -5.28 41.81
C GLN B 10 -34.43 -4.03 41.20
N GLU B 11 -34.03 -2.84 41.66
CA GLU B 11 -34.56 -1.62 41.07
C GLU B 11 -34.12 -1.45 39.63
N ALA B 12 -32.86 -1.80 39.34
CA ALA B 12 -32.39 -1.76 37.95
C ALA B 12 -33.17 -2.73 37.08
N GLU B 13 -33.44 -3.93 37.60
CA GLU B 13 -34.22 -4.91 36.86
C GLU B 13 -35.64 -4.40 36.61
N GLN B 14 -36.25 -3.77 37.62
CA GLN B 14 -37.58 -3.20 37.43
C GLN B 14 -37.59 -2.11 36.37
N LEU B 15 -36.59 -1.24 36.39
CA LEU B 15 -36.53 -0.17 35.39
C LEU B 15 -36.32 -0.73 33.99
N LYS B 16 -35.47 -1.74 33.85
CA LYS B 16 -35.27 -2.38 32.55
C LYS B 16 -36.56 -3.03 32.06
N ASN B 17 -37.28 -3.70 32.96
CA ASN B 17 -38.56 -4.30 32.58
C ASN B 17 -39.57 -3.25 32.15
N GLN B 18 -39.62 -2.13 32.87
CA GLN B 18 -40.52 -1.05 32.50
C GLN B 18 -40.19 -0.50 31.12
N ILE B 19 -38.91 -0.30 30.83
CA ILE B 19 -38.50 0.22 29.53
C ILE B 19 -38.84 -0.77 28.43
N ARG B 20 -38.61 -2.06 28.68
CA ARG B 20 -38.95 -3.08 27.69
C ARG B 20 -40.45 -3.10 27.40
N ASP B 21 -41.27 -3.02 28.44
CA ASP B 21 -42.72 -2.98 28.25
C ASP B 21 -43.15 -1.74 27.47
N ALA B 22 -42.56 -0.58 27.81
CA ALA B 22 -42.91 0.65 27.11
C ALA B 22 -42.54 0.57 25.63
N ARG B 23 -41.38 -0.03 25.32
CA ARG B 23 -40.99 -0.21 23.93
C ARG B 23 -41.93 -1.15 23.21
N LYS B 24 -42.37 -2.22 23.89
CA LYS B 24 -43.29 -3.16 23.26
C LYS B 24 -44.66 -2.53 23.00
N ALA B 25 -45.09 -1.63 23.89
CA ALA B 25 -46.41 -1.02 23.74
C ALA B 25 -46.48 -0.16 22.49
N CYS B 26 -45.41 0.58 22.19
CA CYS B 26 -45.43 1.55 21.09
C CYS B 26 -45.36 0.89 19.71
N ALA B 27 -45.14 -0.42 19.63
CA ALA B 27 -45.08 -1.11 18.35
C ALA B 27 -46.47 -1.55 17.94
N ASP B 28 -46.91 -1.14 16.75
CA ASP B 28 -48.19 -1.56 16.19
C ASP B 28 -48.04 -2.43 14.95
N ALA B 29 -47.09 -2.12 14.08
CA ALA B 29 -46.84 -2.90 12.88
C ALA B 29 -45.33 -2.97 12.65
N THR B 30 -44.93 -3.64 11.58
CA THR B 30 -43.53 -3.80 11.23
C THR B 30 -43.23 -3.10 9.92
N LEU B 31 -41.94 -2.84 9.68
CA LEU B 31 -41.55 -2.17 8.45
C LEU B 31 -41.76 -3.04 7.23
N SER B 32 -41.65 -4.36 7.38
CA SER B 32 -41.84 -5.26 6.25
C SER B 32 -43.27 -5.21 5.72
N GLN B 33 -44.25 -5.17 6.62
CA GLN B 33 -45.64 -5.10 6.17
C GLN B 33 -45.92 -3.77 5.47
N ILE B 34 -45.41 -2.67 6.00
CA ILE B 34 -45.68 -1.36 5.42
C ILE B 34 -44.99 -1.22 4.06
N THR B 35 -43.79 -1.79 3.93
CA THR B 35 -43.02 -1.70 2.71
C THR B 35 -43.28 -2.87 1.77
N ASN B 36 -44.46 -3.49 1.85
CA ASN B 36 -44.73 -4.70 1.10
C ASN B 36 -45.25 -4.42 -0.31
N ASN B 37 -45.70 -3.20 -0.59
CA ASN B 37 -46.41 -2.90 -1.83
C ASN B 37 -45.70 -1.82 -2.65
N ILE B 38 -44.38 -1.92 -2.80
CA ILE B 38 -43.64 -1.05 -3.71
C ILE B 38 -42.65 -1.88 -4.51
N ASP B 39 -42.23 -1.32 -5.65
CA ASP B 39 -41.41 -2.06 -6.59
C ASP B 39 -40.00 -2.25 -6.05
N PRO B 40 -39.33 -3.35 -6.41
CA PRO B 40 -37.95 -3.56 -5.98
C PRO B 40 -36.98 -2.66 -6.72
N VAL B 41 -35.70 -2.75 -6.37
CA VAL B 41 -34.67 -1.95 -7.03
C VAL B 41 -34.02 -2.68 -8.20
N GLY B 42 -34.35 -3.95 -8.40
CA GLY B 42 -33.78 -4.71 -9.50
C GLY B 42 -32.41 -5.29 -9.19
N ARG B 43 -31.55 -5.36 -10.20
CA ARG B 43 -30.20 -5.86 -10.04
C ARG B 43 -29.20 -4.73 -10.25
N ILE B 44 -28.19 -4.67 -9.38
CA ILE B 44 -27.19 -3.61 -9.39
C ILE B 44 -25.90 -4.17 -9.95
N GLN B 45 -25.34 -3.51 -10.97
CA GLN B 45 -24.08 -3.90 -11.57
C GLN B 45 -23.08 -2.77 -11.35
N MET B 46 -22.07 -3.02 -10.51
CA MET B 46 -21.00 -2.08 -10.26
C MET B 46 -19.67 -2.73 -10.62
N ARG B 47 -18.83 -2.00 -11.35
CA ARG B 47 -17.53 -2.51 -11.76
C ARG B 47 -16.47 -1.48 -11.47
N THR B 48 -15.29 -1.95 -11.09
CA THR B 48 -14.23 -1.05 -10.63
C THR B 48 -13.75 -0.15 -11.77
N ARG B 49 -13.56 1.13 -11.44
CA ARG B 49 -13.04 2.11 -12.38
C ARG B 49 -11.56 2.41 -12.16
N ARG B 50 -11.14 2.54 -10.90
CA ARG B 50 -9.77 2.89 -10.57
C ARG B 50 -9.23 1.93 -9.52
N THR B 51 -7.94 1.64 -9.61
CA THR B 51 -7.22 0.87 -8.60
C THR B 51 -5.99 1.65 -8.19
N LEU B 52 -5.84 1.87 -6.89
CA LEU B 52 -4.78 2.69 -6.34
C LEU B 52 -3.76 1.80 -5.63
N ARG B 53 -2.49 1.92 -6.01
CA ARG B 53 -1.42 1.10 -5.45
C ARG B 53 -0.31 1.99 -4.91
N GLY B 54 0.42 1.47 -3.92
CA GLY B 54 1.52 2.21 -3.36
C GLY B 54 1.77 1.97 -1.88
N HIS B 55 0.82 1.36 -1.18
CA HIS B 55 1.04 1.02 0.21
C HIS B 55 1.85 -0.28 0.32
N LEU B 56 2.51 -0.45 1.46
CA LEU B 56 3.39 -1.59 1.69
C LEU B 56 2.73 -2.71 2.48
N ALA B 57 1.88 -2.38 3.43
CA ALA B 57 1.20 -3.38 4.25
C ALA B 57 -0.31 -3.18 4.19
N LYS B 58 -1.05 -3.89 5.03
CA LYS B 58 -2.51 -3.83 5.00
C LYS B 58 -3.00 -2.43 5.35
N ILE B 59 -4.05 -1.99 4.65
CA ILE B 59 -4.69 -0.65 4.83
C ILE B 59 -5.72 -0.76 5.95
N TYR B 60 -5.58 0.05 7.00
CA TYR B 60 -6.49 -0.06 8.15
C TYR B 60 -7.69 0.89 8.07
N ALA B 61 -7.56 2.06 7.43
CA ALA B 61 -8.71 2.99 7.37
C ALA B 61 -8.63 3.91 6.14
N MET B 62 -9.65 4.75 5.90
CA MET B 62 -9.71 5.72 4.82
C MET B 62 -10.84 6.70 5.10
N HIS B 63 -10.79 7.85 4.44
CA HIS B 63 -11.82 8.87 4.58
C HIS B 63 -11.83 9.75 3.34
N TRP B 64 -13.02 10.17 2.91
CA TRP B 64 -13.16 11.01 1.69
C TRP B 64 -13.16 12.47 2.11
N GLY B 65 -12.67 13.33 1.24
CA GLY B 65 -12.70 14.75 1.44
C GLY B 65 -14.08 15.34 1.19
N THR B 66 -14.23 16.60 1.59
CA THR B 66 -15.48 17.31 1.33
C THR B 66 -15.72 17.55 -0.16
N ASP B 67 -14.66 17.84 -0.91
CA ASP B 67 -14.76 18.14 -2.33
C ASP B 67 -14.98 16.91 -3.18
N SER B 68 -14.97 15.71 -2.59
CA SER B 68 -15.21 14.45 -3.28
C SER B 68 -14.17 14.13 -4.34
N ARG B 69 -12.95 14.64 -4.18
CA ARG B 69 -11.89 14.38 -5.16
C ARG B 69 -10.65 13.83 -4.48
N LEU B 70 -10.42 14.26 -3.23
CA LEU B 70 -9.24 13.83 -2.45
C LEU B 70 -9.68 12.94 -1.27
N LEU B 71 -9.00 11.80 -1.09
CA LEU B 71 -9.27 10.88 0.05
C LEU B 71 -7.92 10.49 0.69
N VAL B 72 -7.93 10.16 1.98
CA VAL B 72 -6.66 9.84 2.71
C VAL B 72 -6.70 8.37 3.18
N SER B 73 -5.62 7.63 2.94
CA SER B 73 -5.54 6.22 3.39
C SER B 73 -4.39 6.06 4.40
N ALA B 74 -4.55 5.13 5.33
CA ALA B 74 -3.59 4.84 6.40
C ALA B 74 -3.18 3.37 6.35
N SER B 75 -1.87 3.12 6.39
CA SER B 75 -1.35 1.76 6.32
C SER B 75 -0.52 1.46 7.55
N GLN B 76 -0.46 0.18 7.90
CA GLN B 76 0.27 -0.27 9.07
C GLN B 76 1.77 -0.43 8.82
N ASP B 77 2.25 -0.11 7.63
CA ASP B 77 3.67 0.05 7.42
C ASP B 77 4.19 1.36 7.99
N GLY B 78 3.30 2.26 8.40
CA GLY B 78 3.69 3.52 9.00
C GLY B 78 3.57 4.70 8.08
N LYS B 79 2.50 4.76 7.28
CA LYS B 79 2.38 5.78 6.25
C LYS B 79 0.93 6.23 6.11
N LEU B 80 0.78 7.53 5.84
CA LEU B 80 -0.47 8.13 5.38
C LEU B 80 -0.25 8.61 3.95
N ILE B 81 -1.22 8.38 3.07
CA ILE B 81 -1.12 8.84 1.69
C ILE B 81 -2.39 9.60 1.34
N ILE B 82 -2.23 10.79 0.77
CA ILE B 82 -3.35 11.60 0.29
C ILE B 82 -3.31 11.54 -1.24
N TRP B 83 -4.36 10.92 -1.81
CA TRP B 83 -4.51 10.67 -3.23
C TRP B 83 -5.54 11.62 -3.84
N ASP B 84 -5.37 11.82 -5.16
CA ASP B 84 -6.34 12.47 -6.02
C ASP B 84 -7.14 11.39 -6.75
N SER B 85 -8.46 11.42 -6.61
CA SER B 85 -9.29 10.31 -7.08
C SER B 85 -9.45 10.29 -8.60
N TYR B 86 -9.61 11.46 -9.23
CA TYR B 86 -9.93 11.49 -10.65
C TYR B 86 -8.74 11.06 -11.50
N THR B 87 -7.56 11.60 -11.21
CA THR B 87 -6.38 11.36 -12.04
C THR B 87 -5.40 10.37 -11.44
N THR B 88 -5.72 9.76 -10.30
CA THR B 88 -4.93 8.71 -9.62
C THR B 88 -3.61 9.25 -9.08
N ASN B 89 -3.36 10.55 -9.15
CA ASN B 89 -2.10 11.10 -8.70
C ASN B 89 -1.98 11.02 -7.18
N LYS B 90 -0.75 11.14 -6.70
CA LYS B 90 -0.46 11.18 -5.27
C LYS B 90 -0.10 12.61 -4.88
N VAL B 91 -0.90 13.19 -3.98
CA VAL B 91 -0.65 14.56 -3.55
C VAL B 91 0.30 14.60 -2.35
N HIS B 92 0.13 13.72 -1.37
CA HIS B 92 0.99 13.75 -0.20
C HIS B 92 1.31 12.35 0.29
N ALA B 93 2.49 12.20 0.90
CA ALA B 93 2.89 10.96 1.57
C ALA B 93 3.59 11.33 2.87
N ILE B 94 2.97 11.00 3.99
CA ILE B 94 3.41 11.45 5.31
C ILE B 94 3.87 10.25 6.11
N PRO B 95 5.08 10.26 6.68
CA PRO B 95 5.52 9.18 7.57
C PRO B 95 5.24 9.49 9.03
N LEU B 96 4.86 8.46 9.77
CA LEU B 96 4.47 8.58 11.16
C LEU B 96 5.58 8.07 12.08
N ARG B 97 5.45 8.42 13.36
CA ARG B 97 6.37 7.97 14.39
C ARG B 97 6.00 6.62 14.98
N SER B 98 4.78 6.14 14.75
CA SER B 98 4.35 4.82 15.18
C SER B 98 3.78 4.07 13.98
N SER B 99 4.11 2.79 13.88
CA SER B 99 3.71 1.99 12.73
C SER B 99 2.36 1.31 12.90
N TRP B 100 1.78 1.32 14.10
CA TRP B 100 0.50 0.62 14.34
C TRP B 100 -0.67 1.60 14.36
N VAL B 101 -0.98 2.21 13.20
CA VAL B 101 -2.06 3.23 13.05
C VAL B 101 -3.38 2.52 12.73
N MET B 102 -4.39 2.69 13.58
CA MET B 102 -5.69 1.99 13.40
C MET B 102 -6.79 2.90 12.88
N THR B 103 -6.55 4.21 12.72
CA THR B 103 -7.62 5.13 12.26
C THR B 103 -7.04 6.41 11.68
N CYS B 104 -7.85 7.17 10.92
CA CYS B 104 -7.48 8.49 10.34
C CYS B 104 -8.74 9.23 9.90
N ALA B 105 -8.73 10.56 9.94
CA ALA B 105 -9.88 11.40 9.52
C ALA B 105 -9.40 12.58 8.68
N TYR B 106 -10.34 13.31 8.08
CA TYR B 106 -10.03 14.49 7.23
C TYR B 106 -10.89 15.68 7.67
N ALA B 107 -10.30 16.89 7.73
CA ALA B 107 -11.03 18.09 8.18
C ALA B 107 -12.11 18.47 7.17
N PRO B 108 -13.29 18.98 7.58
CA PRO B 108 -14.33 19.44 6.65
C PRO B 108 -13.79 20.65 5.87
N SER B 109 -13.02 21.49 6.54
CA SER B 109 -12.31 22.67 5.98
C SER B 109 -11.30 22.22 4.91
N GLY B 110 -10.61 21.09 5.15
CA GLY B 110 -9.60 20.57 4.19
C GLY B 110 -8.19 20.98 4.53
N ASN B 111 -7.96 21.57 5.70
CA ASN B 111 -6.60 22.06 6.07
C ASN B 111 -5.85 21.11 7.01
N TYR B 112 -6.48 20.16 7.70
CA TYR B 112 -5.70 19.33 8.64
C TYR B 112 -5.98 17.85 8.43
N VAL B 113 -5.20 16.98 9.08
CA VAL B 113 -5.40 15.55 9.03
C VAL B 113 -5.11 14.99 10.42
N ALA B 114 -5.81 13.93 10.80
CA ALA B 114 -5.63 13.30 12.10
C ALA B 114 -5.28 11.84 11.92
N CYS B 115 -4.56 11.29 12.91
CA CYS B 115 -4.29 9.86 12.92
C CYS B 115 -3.98 9.41 14.33
N GLY B 116 -4.01 8.09 14.54
CA GLY B 116 -3.72 7.52 15.84
C GLY B 116 -3.71 6.02 15.76
N GLY B 117 -3.32 5.39 16.87
CA GLY B 117 -3.21 3.94 16.88
C GLY B 117 -2.93 3.32 18.23
N LEU B 118 -1.99 2.39 18.27
CA LEU B 118 -1.65 1.70 19.51
C LEU B 118 -0.83 2.55 20.47
N ASP B 119 -0.38 3.73 20.04
CA ASP B 119 0.43 4.59 20.88
C ASP B 119 -0.38 5.44 21.86
N ASN B 120 -1.71 5.42 21.76
CA ASN B 120 -2.65 6.16 22.60
C ASN B 120 -2.54 7.67 22.39
N ILE B 121 -1.96 8.13 21.29
CA ILE B 121 -1.80 9.54 20.99
C ILE B 121 -2.58 9.84 19.72
N CYS B 122 -3.25 11.00 19.68
CA CYS B 122 -3.93 11.47 18.48
C CYS B 122 -3.11 12.61 17.89
N SER B 123 -2.49 12.35 16.74
CA SER B 123 -1.59 13.32 16.12
C SER B 123 -2.32 14.07 15.01
N ILE B 124 -2.21 15.40 15.04
CA ILE B 124 -2.86 16.28 14.09
C ILE B 124 -1.77 16.96 13.28
N TYR B 125 -1.85 16.79 11.95
CA TYR B 125 -0.90 17.32 10.99
C TYR B 125 -1.54 18.46 10.20
N ASN B 126 -0.72 19.45 9.87
CA ASN B 126 -1.15 20.65 9.17
C ASN B 126 -0.69 20.57 7.73
N LEU B 127 -1.64 20.66 6.79
CA LEU B 127 -1.33 20.53 5.37
C LEU B 127 -0.99 21.85 4.71
N LYS B 128 -1.48 22.97 5.22
CA LYS B 128 -1.27 24.29 4.62
C LYS B 128 -0.20 25.02 5.42
N THR B 129 1.05 24.74 5.10
CA THR B 129 2.20 25.30 5.80
C THR B 129 2.96 26.22 4.87
N ARG B 130 3.49 27.32 5.42
CA ARG B 130 4.24 28.29 4.65
C ARG B 130 5.40 27.64 3.90
N GLU B 131 6.19 26.83 4.60
CA GLU B 131 7.17 25.99 3.92
C GLU B 131 6.46 24.82 3.25
N GLY B 132 7.00 24.40 2.11
CA GLY B 132 6.34 23.38 1.32
C GLY B 132 6.42 21.98 1.87
N ASN B 133 5.96 21.78 3.09
CA ASN B 133 6.00 20.47 3.72
C ASN B 133 4.82 20.32 4.67
N VAL B 134 4.59 19.08 5.08
CA VAL B 134 3.56 18.73 6.06
C VAL B 134 4.25 18.37 7.36
N ARG B 135 3.89 19.05 8.44
CA ARG B 135 4.48 18.83 9.76
C ARG B 135 3.39 18.64 10.79
N VAL B 136 3.69 17.84 11.81
CA VAL B 136 2.74 17.58 12.88
C VAL B 136 2.53 18.85 13.68
N SER B 137 1.28 19.26 13.83
CA SER B 137 0.96 20.48 14.55
C SER B 137 0.56 20.23 16.00
N ARG B 138 -0.10 19.11 16.29
CA ARG B 138 -0.54 18.84 17.66
C ARG B 138 -0.43 17.35 17.96
N GLU B 139 -0.30 17.04 19.25
CA GLU B 139 -0.19 15.66 19.71
C GLU B 139 -1.00 15.55 21.00
N LEU B 140 -2.24 15.07 20.87
CA LEU B 140 -3.15 14.98 22.01
C LEU B 140 -2.91 13.67 22.75
N ALA B 141 -2.66 13.77 24.05
CA ALA B 141 -2.42 12.62 24.91
C ALA B 141 -3.33 12.70 26.13
N GLY B 142 -3.61 11.55 26.71
CA GLY B 142 -4.50 11.48 27.86
C GLY B 142 -5.35 10.24 27.89
N HIS B 143 -5.38 9.51 26.78
CA HIS B 143 -6.06 8.22 26.75
C HIS B 143 -5.15 7.13 27.26
N THR B 144 -5.74 6.15 27.95
CA THR B 144 -5.01 5.02 28.54
C THR B 144 -5.27 3.73 27.75
N GLY B 145 -5.41 3.85 26.44
CA GLY B 145 -5.63 2.71 25.57
C GLY B 145 -5.52 3.14 24.14
N TYR B 146 -5.59 2.15 23.24
CA TYR B 146 -5.42 2.44 21.82
C TYR B 146 -6.60 3.25 21.29
N LEU B 147 -6.32 4.08 20.29
CA LEU B 147 -7.34 4.92 19.68
C LEU B 147 -8.05 4.15 18.58
N SER B 148 -9.38 4.10 18.62
CA SER B 148 -10.15 3.33 17.65
C SER B 148 -10.71 4.18 16.53
N CYS B 149 -11.23 5.37 16.84
CA CYS B 149 -11.84 6.23 15.83
C CYS B 149 -11.61 7.68 16.23
N CYS B 150 -11.71 8.57 15.24
CA CYS B 150 -11.62 10.00 15.48
C CYS B 150 -12.35 10.73 14.37
N ARG B 151 -13.22 11.66 14.74
CA ARG B 151 -13.98 12.47 13.79
C ARG B 151 -13.78 13.94 14.11
N PHE B 152 -13.72 14.75 13.06
CA PHE B 152 -13.21 16.11 13.18
C PHE B 152 -14.38 17.10 13.25
N LEU B 153 -14.12 18.29 13.78
CA LEU B 153 -15.19 19.24 14.02
C LEU B 153 -14.66 20.67 13.91
N ASP B 154 -15.16 21.42 12.94
CA ASP B 154 -14.96 22.85 12.78
C ASP B 154 -13.51 23.30 13.02
N ASP B 155 -12.55 22.44 12.66
CA ASP B 155 -11.13 22.79 12.57
C ASP B 155 -10.50 23.15 13.92
N ASN B 156 -11.26 23.07 15.01
CA ASN B 156 -10.70 23.31 16.33
C ASN B 156 -11.23 22.35 17.40
N GLN B 157 -12.07 21.39 17.02
CA GLN B 157 -12.57 20.40 17.97
C GLN B 157 -12.50 19.03 17.33
N ILE B 158 -12.30 18.01 18.16
CA ILE B 158 -12.18 16.64 17.67
C ILE B 158 -12.71 15.69 18.74
N VAL B 159 -13.40 14.64 18.29
CA VAL B 159 -13.96 13.62 19.16
C VAL B 159 -13.24 12.31 18.89
N THR B 160 -12.74 11.67 19.94
CA THR B 160 -11.96 10.45 19.82
C THR B 160 -12.51 9.36 20.73
N SER B 161 -12.54 8.13 20.23
CA SER B 161 -12.99 6.98 21.00
C SER B 161 -11.81 6.05 21.24
N SER B 162 -11.73 5.47 22.44
CA SER B 162 -10.55 4.69 22.78
C SER B 162 -10.92 3.31 23.32
N GLY B 163 -9.90 2.47 23.42
CA GLY B 163 -10.01 1.13 23.95
C GLY B 163 -10.04 1.03 25.45
N ASP B 164 -10.10 2.17 26.15
CA ASP B 164 -10.30 2.20 27.59
C ASP B 164 -11.75 2.51 27.95
N THR B 165 -12.67 2.30 27.00
CA THR B 165 -14.12 2.42 27.20
C THR B 165 -14.53 3.87 27.46
N THR B 166 -13.90 4.80 26.75
CA THR B 166 -14.24 6.22 26.90
C THR B 166 -14.16 6.93 25.56
N CYS B 167 -15.00 7.96 25.43
CA CYS B 167 -14.91 8.94 24.36
C CYS B 167 -14.51 10.28 24.94
N ALA B 168 -13.91 11.12 24.12
CA ALA B 168 -13.41 12.40 24.59
C ALA B 168 -13.59 13.47 23.53
N LEU B 169 -14.09 14.64 23.94
CA LEU B 169 -14.15 15.83 23.11
C LEU B 169 -13.03 16.75 23.55
N TRP B 170 -12.14 17.08 22.61
CA TRP B 170 -10.88 17.76 22.87
C TRP B 170 -10.94 19.22 22.45
N ASP B 171 -9.80 19.89 22.56
CA ASP B 171 -9.65 21.26 22.09
C ASP B 171 -8.22 21.39 21.57
N ILE B 172 -8.07 21.52 20.26
CA ILE B 172 -6.75 21.47 19.65
C ILE B 172 -5.89 22.64 20.08
N GLU B 173 -6.49 23.83 20.25
CA GLU B 173 -5.73 25.03 20.53
C GLU B 173 -4.95 24.92 21.84
N THR B 174 -5.60 24.42 22.90
CA THR B 174 -4.96 24.32 24.20
C THR B 174 -4.34 22.95 24.45
N GLY B 175 -4.86 21.91 23.81
CA GLY B 175 -4.38 20.57 24.02
C GLY B 175 -5.10 19.79 25.09
N GLN B 176 -5.96 20.44 25.86
CA GLN B 176 -6.71 19.77 26.92
C GLN B 176 -8.02 19.22 26.37
N GLN B 177 -8.51 18.16 26.98
CA GLN B 177 -9.79 17.57 26.62
C GLN B 177 -10.87 18.27 27.42
N THR B 178 -11.92 18.73 26.73
CA THR B 178 -12.95 19.51 27.41
C THR B 178 -14.03 18.63 28.01
N THR B 179 -14.40 17.55 27.32
CA THR B 179 -15.48 16.70 27.82
C THR B 179 -15.08 15.23 27.71
N THR B 180 -15.61 14.42 28.62
CA THR B 180 -15.37 12.98 28.64
C THR B 180 -16.70 12.25 28.73
N PHE B 181 -16.88 11.26 27.86
CA PHE B 181 -18.09 10.45 27.81
C PHE B 181 -17.75 9.04 28.28
N THR B 182 -18.36 8.62 29.39
CA THR B 182 -18.15 7.31 29.98
C THR B 182 -19.48 6.60 30.13
N GLY B 183 -19.40 5.27 30.24
CA GLY B 183 -20.59 4.46 30.41
C GLY B 183 -20.52 3.12 29.72
N HIS B 184 -19.65 2.99 28.73
CA HIS B 184 -19.49 1.74 28.01
C HIS B 184 -18.72 0.74 28.86
N THR B 185 -18.95 -0.54 28.59
CA THR B 185 -18.29 -1.62 29.32
C THR B 185 -17.13 -2.24 28.55
N GLY B 186 -17.33 -2.55 27.27
CA GLY B 186 -16.26 -2.99 26.39
C GLY B 186 -15.70 -1.82 25.61
N ASP B 187 -14.55 -2.06 24.98
CA ASP B 187 -13.87 -0.98 24.28
C ASP B 187 -14.66 -0.50 23.07
N VAL B 188 -14.61 0.81 22.83
CA VAL B 188 -15.40 1.42 21.77
C VAL B 188 -14.71 1.19 20.43
N MET B 189 -15.45 0.79 19.39
CA MET B 189 -14.79 0.45 18.10
C MET B 189 -15.17 1.41 16.98
N SER B 190 -16.27 2.15 17.07
CA SER B 190 -16.63 3.01 15.92
C SER B 190 -17.40 4.25 16.37
N LEU B 191 -17.57 5.19 15.44
CA LEU B 191 -18.19 6.50 15.74
C LEU B 191 -18.79 7.08 14.46
N SER B 192 -19.87 7.84 14.61
CA SER B 192 -20.52 8.57 13.49
C SER B 192 -21.09 9.87 14.05
N LEU B 193 -20.75 11.02 13.46
CA LEU B 193 -21.33 12.31 13.93
C LEU B 193 -22.74 12.42 13.38
N ALA B 194 -23.63 13.13 14.07
CA ALA B 194 -25.00 13.39 13.58
C ALA B 194 -24.89 14.41 12.45
N PRO B 195 -25.81 14.48 11.47
CA PRO B 195 -25.69 15.44 10.36
C PRO B 195 -25.62 16.90 10.84
N ASP B 196 -26.29 17.16 11.97
CA ASP B 196 -26.39 18.50 12.61
C ASP B 196 -25.33 18.64 13.72
N THR B 197 -24.35 17.72 13.78
CA THR B 197 -23.23 17.71 14.73
C THR B 197 -23.64 18.21 16.10
N ARG B 198 -24.82 17.79 16.56
CA ARG B 198 -25.24 18.00 17.94
C ARG B 198 -25.26 16.72 18.75
N LEU B 199 -25.29 15.57 18.11
CA LEU B 199 -25.28 14.28 18.78
C LEU B 199 -24.34 13.34 18.04
N PHE B 200 -23.97 12.24 18.69
CA PHE B 200 -23.23 11.21 18.00
C PHE B 200 -23.46 9.86 18.68
N VAL B 201 -23.51 8.80 17.89
CA VAL B 201 -23.70 7.45 18.40
C VAL B 201 -22.35 6.74 18.42
N SER B 202 -22.21 5.83 19.38
CA SER B 202 -21.01 5.02 19.49
C SER B 202 -21.40 3.57 19.72
N GLY B 203 -20.52 2.66 19.32
CA GLY B 203 -20.75 1.24 19.49
C GLY B 203 -19.57 0.57 20.16
N ALA B 204 -19.88 -0.32 21.11
CA ALA B 204 -18.81 -0.91 21.89
C ALA B 204 -18.82 -2.44 21.79
N CYS B 205 -17.78 -3.04 22.34
CA CYS B 205 -17.61 -4.49 22.27
C CYS B 205 -18.38 -5.20 23.38
N ASP B 206 -19.64 -4.82 23.58
CA ASP B 206 -20.54 -5.56 24.45
C ASP B 206 -21.93 -5.68 23.82
N ALA B 207 -22.03 -5.52 22.51
CA ALA B 207 -23.30 -5.51 21.78
C ALA B 207 -24.22 -4.41 22.31
N SER B 208 -23.73 -3.17 22.20
CA SER B 208 -24.52 -2.03 22.63
C SER B 208 -24.03 -0.77 21.93
N ALA B 209 -24.99 0.05 21.51
CA ALA B 209 -24.74 1.38 20.96
C ALA B 209 -25.39 2.42 21.86
N LYS B 210 -24.82 3.61 21.91
CA LYS B 210 -25.29 4.66 22.77
C LYS B 210 -25.34 5.99 22.02
N LEU B 211 -26.24 6.87 22.46
CA LEU B 211 -26.42 8.19 21.89
C LEU B 211 -25.88 9.22 22.87
N TRP B 212 -25.04 10.14 22.38
CA TRP B 212 -24.36 11.13 23.19
C TRP B 212 -24.69 12.53 22.72
N ASP B 213 -24.94 13.42 23.67
CA ASP B 213 -25.16 14.84 23.40
C ASP B 213 -23.84 15.57 23.60
N VAL B 214 -23.40 16.28 22.56
CA VAL B 214 -22.07 16.89 22.58
C VAL B 214 -21.98 18.00 23.61
N ARG B 215 -22.96 18.92 23.59
CA ARG B 215 -22.86 20.10 24.44
C ARG B 215 -23.10 19.77 25.91
N GLU B 216 -24.12 18.97 26.20
CA GLU B 216 -24.42 18.62 27.58
C GLU B 216 -23.37 17.64 28.13
N GLY B 217 -22.98 16.65 27.34
CA GLY B 217 -22.03 15.66 27.78
C GLY B 217 -22.65 14.47 28.49
N MET B 218 -23.85 14.06 28.09
CA MET B 218 -24.61 13.04 28.79
C MET B 218 -25.12 12.01 27.79
N CYS B 219 -25.59 10.89 28.31
CA CYS B 219 -26.13 9.80 27.51
C CYS B 219 -27.64 9.91 27.42
N ARG B 220 -28.17 9.88 26.20
CA ARG B 220 -29.60 10.03 25.97
C ARG B 220 -30.32 8.68 25.88
N GLN B 221 -29.85 7.79 25.01
CA GLN B 221 -30.51 6.52 24.79
C GLN B 221 -29.48 5.43 24.55
N THR B 222 -29.89 4.19 24.84
CA THR B 222 -29.05 3.00 24.67
C THR B 222 -29.83 1.98 23.85
N PHE B 223 -29.18 1.43 22.83
CA PHE B 223 -29.77 0.44 21.95
C PHE B 223 -28.98 -0.86 22.04
N THR B 224 -29.66 -1.95 22.38
CA THR B 224 -29.06 -3.28 22.53
C THR B 224 -29.92 -4.27 21.74
N GLY B 225 -29.41 -4.75 20.62
CA GLY B 225 -30.12 -5.75 19.83
C GLY B 225 -29.20 -6.75 19.16
N HIS B 226 -27.92 -6.72 19.50
CA HIS B 226 -26.94 -7.59 18.86
C HIS B 226 -26.51 -8.66 19.84
N GLU B 227 -25.90 -9.73 19.31
CA GLU B 227 -25.40 -10.82 20.12
C GLU B 227 -23.89 -10.95 20.07
N SER B 228 -23.18 -9.92 19.62
CA SER B 228 -21.72 -9.92 19.61
C SER B 228 -21.27 -8.47 19.46
N ASP B 229 -19.95 -8.29 19.46
CA ASP B 229 -19.38 -6.94 19.42
C ASP B 229 -19.66 -6.27 18.08
N ILE B 230 -19.86 -4.95 18.14
CA ILE B 230 -20.20 -4.14 16.97
C ILE B 230 -18.92 -3.55 16.39
N ASN B 231 -18.73 -3.72 15.08
CA ASN B 231 -17.49 -3.26 14.39
C ASN B 231 -17.70 -1.97 13.60
N ALA B 232 -18.88 -1.73 13.03
CA ALA B 232 -19.10 -0.49 12.26
C ALA B 232 -20.47 0.11 12.57
N ILE B 233 -20.68 1.40 12.33
CA ILE B 233 -21.95 2.11 12.64
C ILE B 233 -21.97 3.39 11.82
N CYS B 234 -23.15 3.83 11.34
CA CYS B 234 -23.26 5.16 10.66
C CYS B 234 -24.70 5.69 10.73
N PHE B 235 -24.92 6.91 10.28
CA PHE B 235 -26.26 7.56 10.35
C PHE B 235 -26.97 7.54 9.00
N PHE B 236 -28.30 7.39 9.03
CA PHE B 236 -29.15 7.50 7.82
C PHE B 236 -29.14 8.97 7.38
N PRO B 237 -29.00 9.29 6.08
CA PRO B 237 -28.92 10.70 5.60
C PRO B 237 -29.89 11.70 6.24
N ASN B 238 -31.13 11.25 6.46
CA ASN B 238 -32.22 12.05 7.08
C ASN B 238 -31.79 12.49 8.48
N GLY B 239 -31.11 11.61 9.23
CA GLY B 239 -30.60 11.90 10.58
C GLY B 239 -31.47 11.32 11.69
N ASN B 240 -32.46 10.50 11.35
CA ASN B 240 -33.39 9.94 12.36
C ASN B 240 -33.23 8.44 12.55
N ALA B 241 -32.19 7.81 12.02
CA ALA B 241 -31.98 6.35 12.21
C ALA B 241 -30.51 6.00 11.97
N PHE B 242 -30.06 4.83 12.44
CA PHE B 242 -28.65 4.40 12.21
C PHE B 242 -28.58 2.91 11.87
N ALA B 243 -27.51 2.47 11.20
CA ALA B 243 -27.33 1.05 10.81
C ALA B 243 -26.00 0.55 11.38
N THR B 244 -25.95 -0.63 11.98
CA THR B 244 -24.71 -1.15 12.62
C THR B 244 -24.34 -2.53 12.05
N GLY B 245 -23.09 -2.93 12.26
CA GLY B 245 -22.55 -4.22 11.79
C GLY B 245 -21.89 -4.97 12.94
N SER B 246 -22.12 -6.28 13.04
CA SER B 246 -21.58 -7.07 14.17
C SER B 246 -20.93 -8.37 13.69
N ASP B 247 -20.21 -9.02 14.60
CA ASP B 247 -19.45 -10.29 14.36
C ASP B 247 -20.40 -11.49 14.32
N ASP B 248 -21.70 -11.25 14.41
CA ASP B 248 -22.71 -12.36 14.37
C ASP B 248 -23.22 -12.50 12.92
N ALA B 249 -22.54 -11.84 11.97
CA ALA B 249 -22.83 -11.85 10.53
C ALA B 249 -24.22 -11.31 10.20
N THR B 250 -24.65 -10.25 10.89
CA THR B 250 -25.96 -9.60 10.62
C THR B 250 -25.83 -8.08 10.76
N CYS B 251 -26.71 -7.35 10.08
CA CYS B 251 -26.79 -5.90 10.15
C CYS B 251 -28.14 -5.50 10.72
N ARG B 252 -28.16 -4.42 11.52
CA ARG B 252 -29.42 -4.01 12.15
C ARG B 252 -29.66 -2.52 11.93
N LEU B 253 -30.93 -2.14 11.81
CA LEU B 253 -31.36 -0.75 11.65
C LEU B 253 -32.17 -0.31 12.86
N PHE B 254 -31.78 0.80 13.48
CA PHE B 254 -32.46 1.37 14.63
C PHE B 254 -32.95 2.77 14.30
N ASP B 255 -34.02 3.19 14.99
CA ASP B 255 -34.57 4.53 14.83
C ASP B 255 -34.62 5.25 16.16
N LEU B 256 -34.27 6.54 16.15
CA LEU B 256 -34.20 7.31 17.38
C LEU B 256 -35.59 7.66 17.89
N ARG B 257 -36.52 7.96 16.99
CA ARG B 257 -37.83 8.47 17.40
C ARG B 257 -38.64 7.40 18.14
N ALA B 258 -38.68 6.19 17.60
CA ALA B 258 -39.41 5.11 18.24
C ALA B 258 -38.58 4.33 19.25
N ASP B 259 -37.26 4.53 19.26
CA ASP B 259 -36.35 3.88 20.21
C ASP B 259 -36.44 2.36 20.09
N GLN B 260 -36.26 1.85 18.88
CA GLN B 260 -36.50 0.44 18.60
C GLN B 260 -35.60 -0.01 17.46
N GLU B 261 -35.71 -1.29 17.11
CA GLU B 261 -35.01 -1.88 15.98
C GLU B 261 -36.01 -2.17 14.87
N LEU B 262 -35.70 -1.75 13.65
CA LEU B 262 -36.65 -1.80 12.55
C LEU B 262 -36.43 -2.99 11.62
N MET B 263 -35.18 -3.32 11.29
CA MET B 263 -34.94 -4.38 10.32
C MET B 263 -33.60 -5.06 10.61
N THR B 264 -33.54 -6.34 10.26
CA THR B 264 -32.31 -7.14 10.33
C THR B 264 -31.99 -7.67 8.94
N TYR B 265 -30.74 -7.50 8.53
CA TYR B 265 -30.25 -7.97 7.24
C TYR B 265 -29.27 -9.10 7.49
N SER B 266 -29.66 -10.31 7.07
CA SER B 266 -28.84 -11.50 7.25
C SER B 266 -29.22 -12.53 6.19
N HIS B 267 -28.32 -13.47 5.95
CA HIS B 267 -28.52 -14.54 4.99
C HIS B 267 -28.08 -15.86 5.61
N ASP B 268 -28.51 -16.96 4.98
CA ASP B 268 -28.19 -18.27 5.52
C ASP B 268 -26.75 -18.68 5.26
N ASN B 269 -26.21 -18.32 4.09
CA ASN B 269 -24.87 -18.74 3.73
C ASN B 269 -23.78 -17.93 4.43
N ILE B 270 -24.10 -16.74 4.92
CA ILE B 270 -23.08 -15.86 5.48
C ILE B 270 -22.80 -16.26 6.92
N ILE B 271 -21.54 -16.57 7.21
CA ILE B 271 -21.12 -16.95 8.56
C ILE B 271 -20.09 -16.01 9.15
N CYS B 272 -19.34 -15.28 8.32
CA CYS B 272 -18.26 -14.43 8.79
C CYS B 272 -18.79 -13.13 9.40
N GLY B 273 -17.87 -12.25 9.80
CA GLY B 273 -18.25 -11.00 10.42
C GLY B 273 -18.31 -9.84 9.43
N ILE B 274 -18.81 -8.70 9.94
CA ILE B 274 -18.98 -7.49 9.15
C ILE B 274 -18.00 -6.45 9.69
N THR B 275 -17.21 -5.86 8.79
CA THR B 275 -16.15 -4.91 9.23
C THR B 275 -16.53 -3.45 8.98
N SER B 276 -17.32 -3.14 7.95
CA SER B 276 -17.69 -1.74 7.67
C SER B 276 -19.12 -1.64 7.14
N VAL B 277 -19.79 -0.51 7.41
CA VAL B 277 -21.20 -0.28 6.95
C VAL B 277 -21.27 1.15 6.38
N SER B 278 -22.02 1.33 5.28
CA SER B 278 -22.18 2.67 4.64
C SER B 278 -23.59 2.83 4.08
N PHE B 279 -24.00 4.06 3.78
CA PHE B 279 -25.35 4.33 3.23
C PHE B 279 -25.22 5.10 1.92
N SER B 280 -26.28 5.03 1.09
CA SER B 280 -26.36 5.75 -0.21
C SER B 280 -26.82 7.20 0.04
N LYS B 281 -26.61 8.08 -0.94
CA LYS B 281 -27.00 9.52 -0.80
C LYS B 281 -28.50 9.67 -0.53
N SER B 282 -29.30 8.67 -0.89
CA SER B 282 -30.73 8.72 -0.66
C SER B 282 -31.22 7.72 0.39
N GLY B 283 -30.32 6.90 0.93
CA GLY B 283 -30.67 5.95 1.96
C GLY B 283 -31.32 4.68 1.48
N ARG B 284 -31.45 4.49 0.17
CA ARG B 284 -32.12 3.29 -0.34
C ARG B 284 -31.22 2.06 -0.20
N LEU B 285 -29.94 2.20 -0.52
CA LEU B 285 -29.01 1.09 -0.51
C LEU B 285 -28.19 1.08 0.79
N LEU B 286 -27.69 -0.11 1.14
CA LEU B 286 -26.83 -0.28 2.30
C LEU B 286 -25.68 -1.19 1.91
N LEU B 287 -24.45 -0.68 2.03
CA LEU B 287 -23.27 -1.43 1.62
C LEU B 287 -22.50 -1.91 2.85
N ALA B 288 -22.07 -3.17 2.82
CA ALA B 288 -21.39 -3.74 3.98
C ALA B 288 -20.24 -4.63 3.52
N GLY B 289 -19.07 -4.42 4.13
CA GLY B 289 -17.92 -5.26 3.84
C GLY B 289 -17.81 -6.42 4.82
N TYR B 290 -17.46 -7.59 4.29
CA TYR B 290 -17.45 -8.82 5.05
C TYR B 290 -16.04 -9.40 5.12
N ASP B 291 -15.89 -10.40 5.98
CA ASP B 291 -14.58 -11.04 6.17
C ASP B 291 -14.22 -11.96 5.02
N ASP B 292 -15.22 -12.54 4.34
CA ASP B 292 -14.93 -13.46 3.25
C ASP B 292 -14.64 -12.71 1.95
N PHE B 293 -13.78 -11.69 2.03
CA PHE B 293 -13.22 -10.96 0.91
C PHE B 293 -14.29 -10.28 0.03
N ASN B 294 -15.53 -10.23 0.48
CA ASN B 294 -16.65 -9.79 -0.34
C ASN B 294 -17.28 -8.53 0.22
N CYS B 295 -18.02 -7.82 -0.64
CA CYS B 295 -18.85 -6.70 -0.21
C CYS B 295 -20.27 -6.95 -0.69
N ASN B 296 -21.26 -6.65 0.15
CA ASN B 296 -22.65 -6.93 -0.16
C ASN B 296 -23.46 -5.64 -0.19
N VAL B 297 -24.36 -5.54 -1.17
CA VAL B 297 -25.24 -4.39 -1.35
C VAL B 297 -26.67 -4.84 -1.12
N TRP B 298 -27.33 -4.24 -0.12
CA TRP B 298 -28.66 -4.63 0.33
C TRP B 298 -29.64 -3.51 0.06
N ASP B 299 -30.90 -3.89 -0.20
CA ASP B 299 -32.00 -2.94 -0.22
C ASP B 299 -32.42 -2.66 1.22
N ALA B 300 -32.39 -1.38 1.61
CA ALA B 300 -32.62 -1.04 3.00
C ALA B 300 -34.08 -1.20 3.41
N LEU B 301 -35.00 -0.94 2.48
CA LEU B 301 -36.46 -1.00 2.80
C LEU B 301 -36.97 -2.45 2.82
N LYS B 302 -36.83 -3.17 1.69
CA LYS B 302 -37.31 -4.57 1.58
C LYS B 302 -36.36 -5.57 2.26
N ALA B 303 -35.14 -5.13 2.61
CA ALA B 303 -34.12 -5.99 3.27
C ALA B 303 -33.84 -7.24 2.44
N ASP B 304 -33.70 -7.06 1.12
CA ASP B 304 -33.45 -8.18 0.18
C ASP B 304 -32.11 -7.93 -0.52
N ARG B 305 -31.22 -8.94 -0.56
CA ARG B 305 -29.90 -8.78 -1.21
C ARG B 305 -30.08 -8.26 -2.64
N ALA B 306 -29.33 -7.23 -3.04
CA ALA B 306 -29.47 -6.62 -4.34
C ALA B 306 -28.22 -6.69 -5.20
N GLY B 307 -27.04 -6.80 -4.60
CA GLY B 307 -25.83 -6.82 -5.41
C GLY B 307 -24.67 -7.44 -4.66
N VAL B 308 -23.50 -7.39 -5.31
CA VAL B 308 -22.27 -7.89 -4.70
C VAL B 308 -21.10 -7.14 -5.34
N LEU B 309 -19.87 -7.27 -4.78
CA LEU B 309 -18.58 -6.69 -5.32
C LEU B 309 -17.37 -7.66 -5.20
N ALA B 310 -16.22 -7.41 -5.88
CA ALA B 310 -14.97 -8.26 -5.87
C ALA B 310 -13.71 -7.59 -6.47
N GLY B 311 -12.54 -8.29 -6.63
CA GLY B 311 -11.27 -7.67 -6.95
C GLY B 311 -10.36 -7.60 -5.72
N HIS B 312 -10.87 -8.18 -4.61
CA HIS B 312 -10.13 -8.18 -3.35
C HIS B 312 -9.70 -9.59 -2.98
N ASP B 313 -8.42 -9.76 -2.68
CA ASP B 313 -7.85 -11.07 -2.37
C ASP B 313 -7.59 -11.25 -0.88
N ASN B 314 -8.11 -10.38 -0.03
CA ASN B 314 -7.97 -10.52 1.41
C ASN B 314 -9.10 -9.75 2.09
N ARG B 315 -9.06 -9.75 3.42
CA ARG B 315 -10.18 -9.23 4.22
C ARG B 315 -10.40 -7.74 3.97
N VAL B 316 -11.66 -7.38 3.77
CA VAL B 316 -12.05 -5.99 3.53
C VAL B 316 -12.14 -5.27 4.87
N SER B 317 -11.41 -4.16 5.01
CA SER B 317 -11.33 -3.44 6.32
C SER B 317 -12.11 -2.11 6.32
N CYS B 318 -11.97 -1.29 5.28
CA CYS B 318 -12.69 0.02 5.27
C CYS B 318 -13.53 0.16 4.00
N LEU B 319 -14.54 1.04 4.06
CA LEU B 319 -15.48 1.26 2.93
C LEU B 319 -16.18 2.61 3.14
N GLY B 320 -16.24 3.45 2.11
CA GLY B 320 -16.85 4.77 2.23
C GLY B 320 -17.48 5.33 0.97
N VAL B 321 -18.64 5.95 1.12
CA VAL B 321 -19.38 6.57 0.01
C VAL B 321 -19.10 8.06 0.01
N THR B 322 -18.91 8.64 -1.19
CA THR B 322 -18.62 10.08 -1.41
C THR B 322 -19.79 10.99 -1.00
N ASP B 323 -19.50 12.28 -0.77
CA ASP B 323 -20.51 13.26 -0.29
C ASP B 323 -21.61 13.54 -1.32
N ASP B 324 -21.36 13.32 -2.61
CA ASP B 324 -22.40 13.59 -3.64
C ASP B 324 -23.02 12.29 -4.16
N GLY B 325 -22.54 11.13 -3.67
CA GLY B 325 -23.08 9.85 -4.08
C GLY B 325 -22.56 9.32 -5.40
N MET B 326 -21.47 9.88 -5.92
CA MET B 326 -20.96 9.49 -7.26
C MET B 326 -20.30 8.11 -7.28
N ALA B 327 -19.56 7.74 -6.22
CA ALA B 327 -18.81 6.49 -6.21
C ALA B 327 -18.67 5.99 -4.77
N VAL B 328 -18.04 4.82 -4.64
CA VAL B 328 -17.76 4.21 -3.35
C VAL B 328 -16.34 3.65 -3.39
N ALA B 329 -15.61 3.82 -2.30
CA ALA B 329 -14.23 3.36 -2.20
C ALA B 329 -14.13 2.24 -1.18
N THR B 330 -13.30 1.24 -1.51
CA THR B 330 -13.11 0.06 -0.68
C THR B 330 -11.62 -0.18 -0.47
N GLY B 331 -11.26 -0.62 0.73
CA GLY B 331 -9.88 -0.94 1.05
C GLY B 331 -9.78 -2.18 1.92
N SER B 332 -8.92 -3.12 1.51
CA SER B 332 -8.77 -4.42 2.20
C SER B 332 -7.36 -4.64 2.71
N TRP B 333 -7.09 -5.85 3.18
CA TRP B 333 -5.81 -6.22 3.78
C TRP B 333 -4.76 -6.64 2.76
N ASP B 334 -5.07 -6.61 1.46
CA ASP B 334 -4.07 -6.86 0.44
C ASP B 334 -3.38 -5.60 -0.03
N SER B 335 -3.67 -4.46 0.61
CA SER B 335 -2.98 -3.19 0.36
C SER B 335 -3.35 -2.57 -0.99
N PHE B 336 -4.60 -2.72 -1.40
CA PHE B 336 -5.11 -2.11 -2.62
C PHE B 336 -6.43 -1.41 -2.33
N LEU B 337 -6.63 -0.26 -2.96
CA LEU B 337 -7.86 0.51 -2.86
C LEU B 337 -8.59 0.48 -4.19
N LYS B 338 -9.90 0.29 -4.14
CA LYS B 338 -10.72 0.19 -5.34
C LYS B 338 -11.85 1.22 -5.28
N ILE B 339 -12.26 1.67 -6.46
CA ILE B 339 -13.34 2.65 -6.61
C ILE B 339 -14.39 2.07 -7.53
N TRP B 340 -15.65 2.10 -7.10
CA TRP B 340 -16.75 1.51 -7.83
C TRP B 340 -17.83 2.56 -8.05
N ASN B 341 -18.48 2.48 -9.20
CA ASN B 341 -19.60 3.37 -9.49
C ASN B 341 -20.93 2.69 -9.22
N LEU C 28 8.95 -37.67 -48.99
CA LEU C 28 8.61 -36.46 -48.19
C LEU C 28 7.44 -36.78 -47.26
N ALA C 29 6.85 -37.98 -47.40
CA ALA C 29 5.72 -38.40 -46.55
C ALA C 29 6.14 -38.32 -45.08
N HIS C 30 7.29 -38.91 -44.75
CA HIS C 30 7.82 -38.90 -43.36
C HIS C 30 7.85 -37.45 -42.86
N GLY C 31 8.58 -36.58 -43.56
CA GLY C 31 8.70 -35.18 -43.18
C GLY C 31 7.36 -34.54 -42.90
N ILE C 32 6.33 -34.92 -43.68
CA ILE C 32 5.00 -34.40 -43.43
C ILE C 32 4.49 -34.84 -42.06
N ILE C 33 4.72 -36.11 -41.70
CA ILE C 33 4.32 -36.60 -40.38
C ILE C 33 5.07 -35.86 -39.28
N ARG C 34 6.38 -35.66 -39.47
CA ARG C 34 7.17 -34.93 -38.49
C ARG C 34 6.63 -33.52 -38.27
N SER C 35 6.41 -32.79 -39.36
CA SER C 35 5.90 -31.42 -39.24
C SER C 35 4.47 -31.38 -38.74
N THR C 36 3.69 -32.44 -38.94
CA THR C 36 2.33 -32.48 -38.42
C THR C 36 2.33 -32.67 -36.91
N VAL C 37 3.16 -33.60 -36.42
CA VAL C 37 3.26 -33.80 -34.97
C VAL C 37 3.95 -32.62 -34.30
N LEU C 38 4.77 -31.87 -35.04
CA LEU C 38 5.45 -30.69 -34.52
C LEU C 38 4.53 -29.47 -34.41
N VAL C 39 3.21 -29.66 -34.50
CA VAL C 39 2.25 -28.57 -34.41
C VAL C 39 1.42 -28.66 -33.13
N ILE C 40 1.03 -29.87 -32.73
CA ILE C 40 0.19 -30.02 -31.53
C ILE C 40 0.97 -29.62 -30.29
N PHE C 41 2.25 -30.00 -30.22
CA PHE C 41 3.09 -29.64 -29.07
C PHE C 41 3.12 -28.13 -28.87
N LEU C 42 3.37 -27.39 -29.95
CA LEU C 42 3.51 -25.95 -29.85
C LEU C 42 2.17 -25.23 -29.86
N ALA C 43 1.07 -25.93 -30.17
CA ALA C 43 -0.24 -25.37 -29.91
C ALA C 43 -0.60 -25.47 -28.44
N ALA C 44 -0.20 -26.56 -27.78
CA ALA C 44 -0.46 -26.69 -26.34
C ALA C 44 0.46 -25.78 -25.52
N SER C 45 1.72 -25.67 -25.94
CA SER C 45 2.65 -24.81 -25.22
C SER C 45 2.22 -23.35 -25.26
N PHE C 46 1.63 -22.92 -26.39
CA PHE C 46 1.12 -21.55 -26.48
C PHE C 46 0.08 -21.28 -25.40
N VAL C 47 -0.89 -22.18 -25.25
CA VAL C 47 -1.93 -22.01 -24.25
C VAL C 47 -1.33 -22.02 -22.85
N GLY C 48 -0.42 -22.96 -22.57
CA GLY C 48 0.18 -23.02 -21.25
C GLY C 48 0.93 -21.75 -20.89
N ASN C 49 1.77 -21.27 -21.81
CA ASN C 49 2.54 -20.07 -21.54
C ASN C 49 1.65 -18.83 -21.45
N ILE C 50 0.56 -18.77 -22.23
CA ILE C 50 -0.34 -17.63 -22.14
C ILE C 50 -1.04 -17.60 -20.80
N VAL C 51 -1.51 -18.76 -20.32
CA VAL C 51 -2.13 -18.81 -19.00
C VAL C 51 -1.14 -18.38 -17.93
N LEU C 52 0.10 -18.88 -18.01
CA LEU C 52 1.11 -18.52 -17.02
C LEU C 52 1.40 -17.02 -17.07
N ALA C 53 1.50 -16.45 -18.27
CA ALA C 53 1.76 -15.02 -18.40
C ALA C 53 0.63 -14.20 -17.79
N LEU C 54 -0.62 -14.60 -18.05
CA LEU C 54 -1.75 -13.89 -17.47
C LEU C 54 -1.71 -13.93 -15.94
N VAL C 55 -1.46 -15.11 -15.38
CA VAL C 55 -1.48 -15.25 -13.93
C VAL C 55 -0.30 -14.51 -13.30
N LEU C 56 0.81 -14.40 -14.02
CA LEU C 56 2.00 -13.75 -13.47
C LEU C 56 1.96 -12.23 -13.61
N GLN C 57 1.29 -11.71 -14.64
CA GLN C 57 1.21 -10.28 -14.84
C GLN C 57 -0.04 -9.65 -14.22
N ARG C 58 -1.04 -10.45 -13.89
CA ARG C 58 -2.22 -9.92 -13.22
C ARG C 58 -1.86 -9.34 -11.86
N LYS C 59 -1.02 -10.04 -11.11
CA LYS C 59 -0.58 -9.60 -9.78
C LYS C 59 0.95 -9.55 -9.76
N PRO C 60 1.54 -8.40 -10.10
CA PRO C 60 3.01 -8.33 -10.16
C PRO C 60 3.70 -8.55 -8.82
N GLN C 61 2.95 -8.39 -7.73
CA GLN C 61 3.51 -8.54 -6.36
C GLN C 61 3.37 -10.00 -5.86
N LEU C 62 3.36 -10.97 -6.77
CA LEU C 62 3.24 -12.36 -6.35
C LEU C 62 4.56 -12.86 -5.77
N LEU C 63 5.67 -12.62 -6.47
CA LEU C 63 7.00 -12.98 -6.01
C LEU C 63 7.91 -11.77 -6.18
N GLN C 64 8.75 -11.51 -5.19
CA GLN C 64 9.39 -10.20 -5.09
C GLN C 64 10.34 -9.94 -6.26
N VAL C 65 11.28 -10.86 -6.51
CA VAL C 65 12.30 -10.62 -7.53
C VAL C 65 12.31 -11.77 -8.54
N THR C 66 11.89 -12.96 -8.11
CA THR C 66 11.92 -14.10 -9.02
C THR C 66 10.86 -13.99 -10.09
N ASN C 67 9.90 -13.08 -9.88
CA ASN C 67 8.77 -12.84 -10.82
C ASN C 67 9.31 -12.39 -12.19
N ARG C 68 10.36 -11.56 -12.19
CA ARG C 68 10.97 -11.07 -13.43
C ARG C 68 11.72 -12.18 -14.15
N PHE C 69 12.44 -13.03 -13.42
CA PHE C 69 13.16 -14.14 -14.04
C PHE C 69 12.18 -15.13 -14.69
N ILE C 70 11.10 -15.46 -13.99
CA ILE C 70 10.12 -16.38 -14.54
C ILE C 70 9.45 -15.78 -15.77
N PHE C 71 9.17 -14.48 -15.74
CA PHE C 71 8.59 -13.81 -16.90
C PHE C 71 9.54 -13.83 -18.10
N ASN C 72 10.83 -13.60 -17.85
CA ASN C 72 11.79 -13.65 -18.96
C ASN C 72 11.88 -15.06 -19.55
N LEU C 73 11.97 -16.07 -18.69
CA LEU C 73 11.98 -17.46 -19.16
C LEU C 73 10.70 -17.80 -19.91
N LEU C 74 9.61 -17.12 -19.56
CA LEU C 74 8.26 -17.33 -20.14
C LEU C 74 8.19 -16.72 -21.55
N VAL C 75 8.70 -15.50 -21.73
CA VAL C 75 8.64 -14.83 -23.02
C VAL C 75 9.66 -15.41 -23.99
N THR C 76 10.79 -15.93 -23.47
CA THR C 76 11.79 -16.48 -24.38
C THR C 76 11.34 -17.77 -25.05
N ASP C 77 10.23 -18.36 -24.62
CA ASP C 77 9.63 -19.51 -25.28
C ASP C 77 8.55 -19.14 -26.29
N LEU C 78 7.69 -18.18 -25.95
CA LEU C 78 6.72 -17.68 -26.91
C LEU C 78 7.42 -17.06 -28.11
N LEU C 79 8.46 -16.26 -27.88
CA LEU C 79 9.22 -15.71 -28.98
C LEU C 79 9.77 -16.81 -29.88
N GLN C 80 10.38 -17.83 -29.27
CA GLN C 80 10.96 -18.91 -30.05
C GLN C 80 9.90 -19.61 -30.91
N ILE C 81 8.80 -20.03 -30.28
CA ILE C 81 7.74 -20.71 -31.02
C ILE C 81 7.28 -19.84 -32.17
N SER C 82 6.75 -18.65 -31.86
CA SER C 82 6.08 -17.84 -32.87
C SER C 82 7.02 -17.44 -33.99
N LEU C 83 8.27 -17.10 -33.68
CA LEU C 83 9.19 -16.57 -34.69
C LEU C 83 10.06 -17.64 -35.35
N VAL C 84 9.99 -18.89 -34.92
CA VAL C 84 10.87 -19.90 -35.53
C VAL C 84 10.08 -21.08 -36.09
N ALA C 85 9.11 -21.58 -35.31
CA ALA C 85 8.43 -22.82 -35.70
C ALA C 85 7.76 -22.76 -37.08
N PRO C 86 7.07 -21.68 -37.47
CA PRO C 86 6.47 -21.69 -38.82
C PRO C 86 7.48 -21.90 -39.94
N TRP C 87 8.69 -21.34 -39.82
CA TRP C 87 9.69 -21.52 -40.86
C TRP C 87 10.18 -22.97 -40.91
N VAL C 88 10.40 -23.58 -39.74
CA VAL C 88 10.79 -24.99 -39.71
C VAL C 88 9.69 -25.86 -40.31
N VAL C 89 8.43 -25.52 -40.06
CA VAL C 89 7.33 -26.28 -40.64
C VAL C 89 7.31 -26.12 -42.15
N ALA C 90 7.54 -24.86 -42.56
CA ALA C 90 7.54 -24.32 -43.95
C ALA C 90 8.83 -24.61 -44.72
N THR C 91 9.73 -25.40 -44.13
CA THR C 91 10.89 -25.98 -44.79
C THR C 91 10.64 -27.39 -45.28
N SER C 92 9.68 -28.08 -44.66
CA SER C 92 9.35 -29.48 -45.04
C SER C 92 8.71 -29.53 -46.44
N VAL C 93 7.86 -28.56 -46.75
CA VAL C 93 7.17 -28.51 -48.08
C VAL C 93 8.24 -28.54 -49.19
N PRO C 94 8.11 -29.38 -50.23
CA PRO C 94 9.10 -29.46 -51.31
C PRO C 94 9.04 -28.25 -52.25
N LEU C 95 7.93 -27.51 -52.23
CA LEU C 95 7.76 -26.31 -53.11
C LEU C 95 8.93 -25.36 -52.88
N PHE C 96 9.15 -24.90 -51.64
CA PHE C 96 10.28 -23.98 -51.35
C PHE C 96 11.50 -24.78 -50.86
N TRP C 97 11.76 -25.95 -51.45
CA TRP C 97 12.87 -26.84 -51.07
C TRP C 97 14.26 -26.23 -51.31
N PRO C 98 14.54 -25.59 -52.46
CA PRO C 98 15.86 -25.01 -52.74
C PRO C 98 15.90 -23.54 -52.31
N LEU C 99 16.97 -23.08 -51.64
CA LEU C 99 16.96 -21.67 -51.21
C LEU C 99 18.38 -21.12 -51.01
N ASN C 100 18.45 -19.82 -50.74
CA ASN C 100 19.71 -19.04 -50.53
C ASN C 100 20.50 -19.62 -49.37
N SER C 101 21.83 -19.68 -49.49
CA SER C 101 22.70 -20.25 -48.43
C SER C 101 22.90 -19.24 -47.30
N HIS C 102 22.43 -18.00 -47.50
CA HIS C 102 22.57 -16.92 -46.48
C HIS C 102 21.27 -16.83 -45.66
N PHE C 103 20.36 -17.77 -45.89
CA PHE C 103 19.06 -17.81 -45.16
C PHE C 103 19.18 -18.72 -43.93
N CYS C 104 19.68 -19.94 -44.13
CA CYS C 104 19.81 -20.91 -43.00
C CYS C 104 20.92 -20.46 -42.06
N THR C 105 21.49 -19.28 -42.32
CA THR C 105 22.56 -18.71 -41.45
C THR C 105 21.87 -17.75 -40.44
N ALA C 106 20.62 -17.38 -40.73
CA ALA C 106 19.81 -16.51 -39.87
C ALA C 106 18.86 -17.33 -39.02
N LEU C 107 18.23 -18.36 -39.62
CA LEU C 107 17.30 -19.20 -38.86
C LEU C 107 18.01 -19.91 -37.70
N VAL C 108 19.17 -20.50 -37.99
CA VAL C 108 19.94 -21.20 -36.96
C VAL C 108 20.38 -20.22 -35.88
N SER C 109 20.83 -19.03 -36.29
CA SER C 109 21.26 -18.04 -35.31
C SER C 109 20.11 -17.62 -34.39
N LEU C 110 18.92 -17.44 -34.95
CA LEU C 110 17.77 -17.07 -34.12
C LEU C 110 17.43 -18.17 -33.12
N THR C 111 17.39 -19.42 -33.59
CA THR C 111 17.09 -20.53 -32.69
C THR C 111 18.12 -20.62 -31.57
N HIS C 112 19.40 -20.49 -31.91
CA HIS C 112 20.45 -20.57 -30.90
C HIS C 112 20.39 -19.40 -29.93
N LEU C 113 20.04 -18.21 -30.42
CA LEU C 113 19.87 -17.06 -29.53
C LEU C 113 18.81 -17.33 -28.48
N PHE C 114 17.66 -17.83 -28.92
CA PHE C 114 16.59 -18.10 -27.96
C PHE C 114 16.98 -19.20 -26.98
N ALA C 115 17.63 -20.26 -27.47
CA ALA C 115 18.05 -21.34 -26.59
C ALA C 115 19.06 -20.86 -25.55
N PHE C 116 20.04 -20.05 -25.97
CA PHE C 116 21.04 -19.55 -25.03
C PHE C 116 20.41 -18.63 -23.99
N ALA C 117 19.47 -17.78 -24.41
CA ALA C 117 18.79 -16.91 -23.45
C ALA C 117 18.05 -17.74 -22.41
N SER C 118 17.34 -18.79 -22.85
CA SER C 118 16.62 -19.63 -21.91
C SER C 118 17.58 -20.34 -20.94
N VAL C 119 18.71 -20.84 -21.45
CA VAL C 119 19.67 -21.54 -20.60
C VAL C 119 20.23 -20.61 -19.53
N ASN C 120 20.62 -19.39 -19.93
CA ASN C 120 21.16 -18.45 -18.97
C ASN C 120 20.12 -18.06 -17.92
N THR C 121 18.86 -17.88 -18.35
CA THR C 121 17.81 -17.59 -17.39
C THR C 121 17.64 -18.73 -16.39
N ILE C 122 17.72 -19.98 -16.85
CA ILE C 122 17.60 -21.12 -15.95
C ILE C 122 18.76 -21.15 -14.96
N VAL C 123 19.98 -20.83 -15.42
CA VAL C 123 21.12 -20.81 -14.51
C VAL C 123 20.92 -19.77 -13.41
N VAL C 124 20.48 -18.57 -13.80
CA VAL C 124 20.26 -17.52 -12.81
C VAL C 124 19.14 -17.91 -11.84
N VAL C 125 18.09 -18.55 -12.35
CA VAL C 125 16.98 -18.99 -11.51
C VAL C 125 17.45 -20.00 -10.47
N SER C 126 18.27 -20.97 -10.90
CA SER C 126 18.77 -21.98 -9.95
C SER C 126 19.67 -21.36 -8.89
N VAL C 127 20.55 -20.43 -9.30
CA VAL C 127 21.42 -19.77 -8.32
C VAL C 127 20.58 -18.98 -7.32
N ASP C 128 19.54 -18.30 -7.79
CA ASP C 128 18.66 -17.56 -6.89
C ASP C 128 17.93 -18.49 -5.92
N ARG C 129 17.48 -19.66 -6.40
CA ARG C 129 16.84 -20.63 -5.52
C ARG C 129 17.79 -21.08 -4.43
N TYR C 130 19.05 -21.36 -4.80
CA TYR C 130 20.03 -21.75 -3.80
C TYR C 130 20.25 -20.62 -2.78
N LEU C 131 20.37 -19.39 -3.27
CA LEU C 131 20.61 -18.25 -2.39
C LEU C 131 19.41 -17.92 -1.52
N SER C 132 18.22 -18.38 -1.88
CA SER C 132 17.04 -18.14 -1.05
C SER C 132 16.79 -19.24 -0.02
N ILE C 133 17.03 -20.50 -0.39
CA ILE C 133 16.84 -21.58 0.59
C ILE C 133 17.94 -21.55 1.64
N ILE C 134 19.19 -21.42 1.23
CA ILE C 134 20.30 -21.19 2.13
C ILE C 134 20.45 -19.69 2.32
N HIS C 135 21.03 -19.28 3.44
CA HIS C 135 21.10 -17.87 3.84
C HIS C 135 19.70 -17.24 3.86
N PRO C 136 18.75 -17.79 4.63
CA PRO C 136 17.38 -17.26 4.55
C PRO C 136 17.26 -15.82 5.05
N LEU C 137 18.05 -15.42 6.04
CA LEU C 137 17.84 -14.15 6.71
C LEU C 137 18.39 -12.98 5.91
N SER C 138 19.66 -13.04 5.53
CA SER C 138 20.25 -11.96 4.74
C SER C 138 20.14 -12.23 3.24
N TYR C 139 18.94 -12.61 2.80
CA TYR C 139 18.62 -12.74 1.39
C TYR C 139 18.19 -11.40 0.79
N PRO C 140 17.27 -10.65 1.42
CA PRO C 140 16.84 -9.38 0.80
C PRO C 140 17.96 -8.38 0.59
N SER C 141 18.97 -8.37 1.46
CA SER C 141 20.09 -7.47 1.28
C SER C 141 21.09 -7.97 0.25
N LYS C 142 20.91 -9.18 -0.28
CA LYS C 142 21.74 -9.71 -1.35
C LYS C 142 21.07 -9.65 -2.70
N MET C 143 19.74 -9.56 -2.75
CA MET C 143 18.97 -9.53 -3.99
C MET C 143 18.12 -8.26 -4.01
N THR C 144 18.68 -7.19 -4.53
CA THR C 144 17.93 -5.96 -4.74
C THR C 144 17.39 -5.89 -6.17
N GLN C 145 16.43 -5.00 -6.35
CA GLN C 145 15.74 -4.78 -7.65
C GLN C 145 16.75 -4.31 -8.70
N ARG C 146 17.80 -3.62 -8.25
CA ARG C 146 18.86 -3.16 -9.18
C ARG C 146 19.66 -4.40 -9.62
N ARG C 147 20.02 -5.25 -8.65
CA ARG C 147 20.82 -6.48 -8.90
C ARG C 147 20.07 -7.45 -9.82
N GLY C 148 18.73 -7.45 -9.78
CA GLY C 148 17.94 -8.30 -10.65
C GLY C 148 17.89 -7.79 -12.07
N TYR C 149 17.67 -6.48 -12.24
CA TYR C 149 17.61 -5.92 -13.59
C TYR C 149 18.98 -5.98 -14.28
N LEU C 150 20.06 -5.75 -13.51
CA LEU C 150 21.39 -5.87 -14.08
C LEU C 150 21.65 -7.31 -14.53
N LEU C 151 21.21 -8.29 -13.73
CA LEU C 151 21.39 -9.68 -14.11
C LEU C 151 20.60 -10.03 -15.37
N LEU C 152 19.38 -9.52 -15.48
CA LEU C 152 18.57 -9.75 -16.69
C LEU C 152 19.27 -9.19 -17.92
N TYR C 153 19.75 -7.95 -17.82
CA TYR C 153 20.48 -7.36 -18.95
C TYR C 153 21.72 -8.17 -19.28
N GLY C 154 22.41 -8.67 -18.25
CA GLY C 154 23.60 -9.48 -18.48
C GLY C 154 23.30 -10.77 -19.23
N THR C 155 22.22 -11.46 -18.83
CA THR C 155 21.86 -12.68 -19.54
C THR C 155 21.53 -12.40 -21.00
N TRP C 156 20.77 -11.33 -21.26
CA TRP C 156 20.44 -11.04 -22.65
C TRP C 156 21.68 -10.66 -23.46
N ILE C 157 22.60 -9.89 -22.85
CA ILE C 157 23.81 -9.48 -23.57
C ILE C 157 24.68 -10.70 -23.88
N VAL C 158 24.84 -11.60 -22.92
CA VAL C 158 25.67 -12.79 -23.14
C VAL C 158 25.03 -13.70 -24.18
N ALA C 159 23.70 -13.79 -24.18
CA ALA C 159 23.03 -14.58 -25.21
C ALA C 159 23.29 -14.01 -26.59
N ILE C 160 23.18 -12.69 -26.74
CA ILE C 160 23.46 -12.07 -28.02
C ILE C 160 24.91 -12.30 -28.43
N LEU C 161 25.84 -12.21 -27.47
CA LEU C 161 27.25 -12.43 -27.77
C LEU C 161 27.52 -13.85 -28.24
N GLN C 162 26.89 -14.83 -27.60
CA GLN C 162 27.14 -16.23 -27.94
C GLN C 162 26.48 -16.66 -29.24
N SER C 163 25.31 -16.11 -29.57
CA SER C 163 24.61 -16.55 -30.77
C SER C 163 25.02 -15.81 -32.03
N THR C 164 25.80 -14.74 -31.90
CA THR C 164 26.16 -13.88 -33.08
C THR C 164 27.28 -14.47 -33.93
N PRO C 165 28.28 -15.21 -33.39
CA PRO C 165 29.39 -15.74 -34.19
C PRO C 165 29.11 -16.43 -35.54
N PRO C 166 28.15 -17.37 -35.65
CA PRO C 166 27.92 -18.11 -36.91
C PRO C 166 27.53 -17.34 -38.18
N LEU C 167 27.29 -16.02 -38.10
CA LEU C 167 26.91 -15.29 -39.31
C LEU C 167 28.05 -14.46 -39.89
N TYR C 168 29.17 -14.36 -39.17
CA TYR C 168 30.29 -13.52 -39.67
C TYR C 168 31.65 -14.22 -39.55
N GLY C 169 31.68 -15.56 -39.47
CA GLY C 169 32.99 -16.24 -39.36
C GLY C 169 32.88 -17.72 -39.10
N TRP C 170 33.68 -18.22 -38.15
CA TRP C 170 33.72 -19.66 -37.76
C TRP C 170 32.32 -20.21 -37.52
N GLY C 171 31.99 -21.35 -38.13
CA GLY C 171 30.66 -21.97 -37.95
C GLY C 171 29.78 -21.70 -39.15
N GLN C 172 29.31 -22.76 -39.83
CA GLN C 172 28.48 -22.57 -41.01
C GLN C 172 27.22 -23.43 -40.90
N ALA C 173 26.15 -22.94 -41.52
CA ALA C 173 24.88 -23.64 -41.60
C ALA C 173 24.47 -23.74 -43.06
N ALA C 174 23.93 -24.90 -43.44
CA ALA C 174 23.56 -25.16 -44.83
C ALA C 174 22.31 -26.04 -44.88
N PHE C 175 21.87 -26.33 -46.11
CA PHE C 175 20.65 -27.16 -46.31
C PHE C 175 21.05 -28.63 -46.50
N ASP C 176 20.09 -29.55 -46.36
CA ASP C 176 20.36 -31.00 -46.51
C ASP C 176 19.38 -31.60 -47.52
N GLU C 177 19.85 -32.44 -48.45
CA GLU C 177 18.92 -33.06 -49.41
C GLU C 177 18.58 -34.49 -48.94
N ARG C 178 18.50 -34.71 -47.62
CA ARG C 178 18.22 -36.07 -47.08
C ARG C 178 17.02 -36.05 -46.11
N ASN C 179 17.05 -35.17 -45.12
CA ASN C 179 16.01 -35.09 -44.04
C ASN C 179 15.16 -33.82 -44.15
N ALA C 180 15.30 -33.04 -45.25
CA ALA C 180 14.40 -31.93 -45.53
C ALA C 180 14.45 -30.85 -44.46
N LEU C 181 15.51 -30.83 -43.65
CA LEU C 181 15.68 -29.86 -42.58
C LEU C 181 17.09 -29.30 -42.64
N CYS C 182 17.20 -28.00 -42.91
CA CYS C 182 18.53 -27.34 -43.00
C CYS C 182 19.08 -27.15 -41.59
N SER C 183 20.39 -27.37 -41.42
CA SER C 183 21.00 -27.39 -40.10
C SER C 183 22.39 -26.76 -40.13
N MET C 184 23.15 -27.00 -39.07
CA MET C 184 24.50 -26.46 -38.92
C MET C 184 25.52 -27.58 -39.07
N ILE C 185 26.57 -27.34 -39.85
CA ILE C 185 27.62 -28.32 -40.06
C ILE C 185 28.69 -28.05 -39.00
N TRP C 186 28.71 -28.88 -37.96
CA TRP C 186 29.60 -28.64 -36.83
C TRP C 186 31.05 -28.95 -37.16
N GLY C 187 31.31 -29.73 -38.20
CA GLY C 187 32.67 -30.15 -38.51
C GLY C 187 33.52 -29.12 -39.20
N ALA C 188 32.93 -28.03 -39.71
CA ALA C 188 33.70 -27.01 -40.40
C ALA C 188 34.58 -26.23 -39.43
N SER C 189 34.17 -26.11 -38.18
CA SER C 189 34.93 -25.36 -37.18
C SER C 189 34.74 -26.02 -35.83
N PRO C 190 35.70 -26.86 -35.41
CA PRO C 190 35.56 -27.53 -34.10
C PRO C 190 35.54 -26.57 -32.92
N SER C 191 36.15 -25.39 -33.04
CA SER C 191 36.18 -24.45 -31.92
C SER C 191 34.78 -23.99 -31.56
N TYR C 192 33.95 -23.68 -32.55
CA TYR C 192 32.58 -23.26 -32.26
C TYR C 192 31.79 -24.41 -31.66
N THR C 193 32.00 -25.64 -32.13
CA THR C 193 31.32 -26.77 -31.55
C THR C 193 31.68 -26.94 -30.08
N ILE C 194 32.97 -26.81 -29.76
CA ILE C 194 33.41 -26.92 -28.37
C ILE C 194 32.77 -25.83 -27.52
N LEU C 195 32.76 -24.59 -28.04
CA LEU C 195 32.19 -23.47 -27.29
C LEU C 195 30.70 -23.69 -27.04
N SER C 196 29.97 -24.13 -28.07
CA SER C 196 28.53 -24.35 -27.93
C SER C 196 28.23 -25.47 -26.94
N VAL C 197 28.98 -26.56 -27.02
CA VAL C 197 28.75 -27.68 -26.11
C VAL C 197 29.07 -27.27 -24.67
N VAL C 198 30.15 -26.51 -24.48
CA VAL C 198 30.48 -26.04 -23.13
C VAL C 198 29.38 -25.13 -22.60
N SER C 199 28.87 -24.23 -23.43
CA SER C 199 27.85 -23.29 -22.98
C SER C 199 26.49 -23.94 -22.80
N PHE C 200 26.24 -25.09 -23.40
CA PHE C 200 24.94 -25.74 -23.30
C PHE C 200 24.82 -26.71 -22.13
N ILE C 201 25.85 -27.52 -21.85
CA ILE C 201 25.68 -28.62 -20.92
C ILE C 201 26.65 -28.55 -19.74
N VAL C 202 27.93 -28.27 -20.00
CA VAL C 202 28.94 -28.46 -18.97
C VAL C 202 28.71 -27.51 -17.79
N ILE C 203 28.81 -26.20 -18.05
CA ILE C 203 28.69 -25.19 -17.00
C ILE C 203 27.30 -25.21 -16.38
N PRO C 204 26.21 -25.19 -17.16
CA PRO C 204 24.88 -25.25 -16.52
C PRO C 204 24.67 -26.46 -15.64
N LEU C 205 25.13 -27.64 -16.07
CA LEU C 205 24.90 -28.84 -15.27
C LEU C 205 25.77 -28.85 -14.02
N ILE C 206 27.02 -28.37 -14.15
CA ILE C 206 27.88 -28.27 -12.97
C ILE C 206 27.23 -27.35 -11.93
N VAL C 207 26.75 -26.18 -12.37
CA VAL C 207 26.12 -25.24 -11.46
C VAL C 207 24.86 -25.85 -10.85
N MET C 208 24.06 -26.53 -11.67
CA MET C 208 22.81 -27.11 -11.19
C MET C 208 23.06 -28.15 -10.10
N ILE C 209 24.01 -29.06 -10.34
CA ILE C 209 24.30 -30.10 -9.37
C ILE C 209 24.88 -29.50 -8.09
N ALA C 210 25.84 -28.57 -8.23
CA ALA C 210 26.47 -27.99 -7.06
C ALA C 210 25.46 -27.21 -6.22
N CYS C 211 24.51 -26.54 -6.86
CA CYS C 211 23.51 -25.80 -6.11
C CYS C 211 22.50 -26.72 -5.44
N TYR C 212 22.04 -27.76 -6.14
CA TYR C 212 20.96 -28.57 -5.59
C TYR C 212 21.43 -29.62 -4.58
N SER C 213 22.73 -29.96 -4.56
CA SER C 213 23.19 -30.90 -3.55
C SER C 213 23.04 -30.33 -2.13
N VAL C 214 23.39 -29.06 -1.95
CA VAL C 214 23.28 -28.43 -0.63
C VAL C 214 21.81 -28.33 -0.22
N VAL C 215 20.93 -28.01 -1.17
CA VAL C 215 19.50 -27.95 -0.87
C VAL C 215 18.98 -29.30 -0.44
N PHE C 216 19.41 -30.37 -1.12
CA PHE C 216 19.02 -31.72 -0.72
C PHE C 216 19.50 -32.04 0.69
N CYS C 217 20.75 -31.68 1.01
CA CYS C 217 21.27 -31.94 2.34
C CYS C 217 20.47 -31.21 3.41
N ALA C 218 20.17 -29.92 3.16
CA ALA C 218 19.40 -29.14 4.12
C ALA C 218 18.00 -29.71 4.31
N ALA C 219 17.35 -30.11 3.21
CA ALA C 219 16.02 -30.70 3.32
C ALA C 219 16.06 -32.01 4.11
N ARG C 220 17.10 -32.82 3.89
CA ARG C 220 17.23 -34.07 4.63
C ARG C 220 17.40 -33.81 6.12
N ARG C 221 18.25 -32.84 6.47
CA ARG C 221 18.45 -32.50 7.89
C ARG C 221 17.15 -31.98 8.51
N GLN C 222 16.42 -31.14 7.78
CA GLN C 222 15.16 -30.60 8.30
C GLN C 222 14.14 -31.71 8.52
N HIS C 223 14.06 -32.65 7.58
CA HIS C 223 13.13 -33.78 7.74
C HIS C 223 13.51 -34.64 8.93
N ALA C 224 14.81 -34.88 9.12
CA ALA C 224 15.26 -35.65 10.28
C ALA C 224 14.90 -34.95 11.58
N LEU C 225 15.05 -33.63 11.63
CA LEU C 225 14.64 -32.88 12.80
C LEU C 225 13.13 -32.97 13.01
N LEU C 226 12.35 -32.86 11.93
CA LEU C 226 10.91 -32.78 12.06
C LEU C 226 10.30 -34.10 12.51
N TYR C 227 10.76 -35.21 11.94
CA TYR C 227 10.15 -36.51 12.20
C TYR C 227 10.97 -37.38 13.13
N ASN C 228 12.00 -36.81 13.77
CA ASN C 228 12.84 -37.47 14.79
C ASN C 228 13.04 -38.98 14.59
N CYS C 395 12.12 -39.67 0.80
CA CYS C 395 12.69 -39.26 -0.47
C CYS C 395 11.75 -38.32 -1.22
N LYS C 396 10.99 -37.52 -0.47
CA LYS C 396 10.10 -36.54 -1.08
C LYS C 396 10.87 -35.43 -1.79
N ALA C 397 12.08 -35.12 -1.33
CA ALA C 397 12.89 -34.06 -1.91
C ALA C 397 13.82 -34.57 -3.01
N ALA C 398 13.79 -35.87 -3.33
CA ALA C 398 14.61 -36.44 -4.39
C ALA C 398 13.89 -36.50 -5.71
N LYS C 399 12.59 -36.76 -5.69
CA LYS C 399 11.80 -36.82 -6.92
C LYS C 399 11.77 -35.48 -7.64
N VAL C 400 11.81 -34.37 -6.90
CA VAL C 400 11.80 -33.04 -7.51
C VAL C 400 13.13 -32.74 -8.21
N ILE C 401 14.24 -32.97 -7.52
CA ILE C 401 15.55 -32.70 -8.10
C ILE C 401 15.80 -33.62 -9.28
N PHE C 402 15.42 -34.89 -9.15
CA PHE C 402 15.56 -35.82 -10.27
C PHE C 402 14.76 -35.36 -11.46
N ILE C 403 13.53 -34.89 -11.23
CA ILE C 403 12.69 -34.42 -12.34
C ILE C 403 13.36 -33.25 -13.03
N ILE C 404 13.87 -32.28 -12.24
CA ILE C 404 14.45 -31.08 -12.84
C ILE C 404 15.67 -31.45 -13.70
N ILE C 405 16.61 -32.20 -13.11
CA ILE C 405 17.84 -32.52 -13.83
C ILE C 405 17.54 -33.40 -15.04
N PHE C 406 16.69 -34.40 -14.84
CA PHE C 406 16.33 -35.34 -15.94
C PHE C 406 15.67 -34.57 -17.09
N SER C 407 14.74 -33.66 -16.78
CA SER C 407 14.06 -32.92 -17.83
C SER C 407 15.04 -32.06 -18.61
N TYR C 408 15.96 -31.38 -17.91
CA TYR C 408 16.94 -30.56 -18.62
C TYR C 408 17.80 -31.43 -19.54
N VAL C 409 18.27 -32.57 -19.03
CA VAL C 409 19.12 -33.44 -19.84
C VAL C 409 18.34 -34.00 -21.03
N LEU C 410 17.11 -34.46 -20.80
CA LEU C 410 16.32 -35.00 -21.89
C LEU C 410 16.07 -33.96 -22.97
N SER C 411 15.85 -32.71 -22.58
CA SER C 411 15.64 -31.66 -23.57
C SER C 411 16.90 -31.39 -24.38
N LEU C 412 18.04 -31.19 -23.72
CA LEU C 412 19.18 -30.61 -24.41
C LEU C 412 20.29 -31.59 -24.79
N GLY C 413 20.28 -32.82 -24.26
CA GLY C 413 21.39 -33.73 -24.42
C GLY C 413 21.60 -34.29 -25.82
N PRO C 414 20.55 -34.87 -26.42
CA PRO C 414 20.73 -35.49 -27.74
C PRO C 414 21.28 -34.54 -28.81
N TYR C 415 20.84 -33.28 -28.81
CA TYR C 415 21.32 -32.35 -29.82
C TYR C 415 22.81 -32.08 -29.67
N CYS C 416 23.27 -31.85 -28.44
CA CYS C 416 24.69 -31.62 -28.20
C CYS C 416 25.50 -32.87 -28.46
N PHE C 417 24.95 -34.05 -28.14
CA PHE C 417 25.67 -35.29 -28.41
C PHE C 417 25.83 -35.51 -29.90
N LEU C 418 24.79 -35.23 -30.69
CA LEU C 418 24.90 -35.32 -32.14
C LEU C 418 25.93 -34.34 -32.67
N ALA C 419 25.94 -33.11 -32.12
CA ALA C 419 26.96 -32.15 -32.52
C ALA C 419 28.36 -32.64 -32.22
N VAL C 420 28.56 -33.24 -31.04
CA VAL C 420 29.87 -33.77 -30.68
C VAL C 420 30.27 -34.91 -31.61
N LEU C 421 29.33 -35.81 -31.91
CA LEU C 421 29.64 -36.95 -32.76
C LEU C 421 29.96 -36.53 -34.18
N ALA C 422 29.30 -35.49 -34.69
CA ALA C 422 29.42 -35.13 -36.10
C ALA C 422 30.84 -34.70 -36.49
N VAL C 423 31.73 -34.53 -35.51
CA VAL C 423 33.12 -34.20 -35.90
C VAL C 423 33.83 -35.47 -36.39
N TRP C 424 33.76 -36.56 -35.61
CA TRP C 424 34.40 -37.86 -35.95
C TRP C 424 33.78 -38.56 -37.18
N VAL C 425 32.45 -38.66 -37.28
CA VAL C 425 31.79 -39.40 -38.40
C VAL C 425 30.73 -38.51 -39.07
N ASP C 426 30.20 -38.91 -40.23
CA ASP C 426 29.21 -38.02 -40.91
C ASP C 426 27.80 -38.40 -40.45
N VAL C 427 26.77 -37.68 -40.91
CA VAL C 427 25.38 -38.02 -40.47
C VAL C 427 24.39 -37.90 -41.63
N GLU C 428 24.83 -37.33 -42.77
CA GLU C 428 23.92 -37.15 -43.93
C GLU C 428 23.45 -38.51 -44.48
N THR C 429 24.36 -39.47 -44.60
CA THR C 429 23.99 -40.81 -45.17
C THR C 429 24.18 -41.93 -44.14
N GLN C 430 24.53 -41.60 -42.89
CA GLN C 430 24.78 -42.66 -41.87
C GLN C 430 23.57 -42.83 -40.95
N VAL C 431 23.42 -41.90 -40.00
CA VAL C 431 22.34 -41.91 -38.96
C VAL C 431 20.97 -41.97 -39.65
N PRO C 432 20.08 -42.91 -39.28
CA PRO C 432 18.74 -43.00 -39.88
C PRO C 432 17.89 -41.72 -39.73
N GLN C 433 16.98 -41.51 -40.68
CA GLN C 433 16.10 -40.31 -40.75
C GLN C 433 15.19 -40.21 -39.51
N TRP C 434 14.86 -41.34 -38.88
CA TRP C 434 13.95 -41.31 -37.73
C TRP C 434 14.69 -40.89 -36.46
N VAL C 435 15.96 -41.25 -36.34
CA VAL C 435 16.75 -40.79 -35.21
C VAL C 435 16.86 -39.28 -35.20
N ILE C 436 17.11 -38.69 -36.38
CA ILE C 436 17.19 -37.23 -36.49
C ILE C 436 15.83 -36.60 -36.20
N THR C 437 14.75 -37.27 -36.62
CA THR C 437 13.41 -36.77 -36.33
C THR C 437 13.17 -36.70 -34.83
N ILE C 438 13.53 -37.76 -34.11
CA ILE C 438 13.35 -37.77 -32.66
C ILE C 438 14.25 -36.72 -32.00
N ILE C 439 15.48 -36.58 -32.49
CA ILE C 439 16.40 -35.60 -31.93
C ILE C 439 15.86 -34.19 -32.08
N ILE C 440 15.32 -33.87 -33.25
CA ILE C 440 14.70 -32.58 -33.47
C ILE C 440 13.43 -32.39 -32.64
N TRP C 441 12.64 -33.46 -32.49
CA TRP C 441 11.43 -33.40 -31.67
C TRP C 441 11.75 -33.07 -30.22
N LEU C 442 12.80 -33.66 -29.65
CA LEU C 442 13.18 -33.38 -28.27
C LEU C 442 13.66 -31.95 -28.06
N PHE C 443 14.24 -31.32 -29.09
CA PHE C 443 14.74 -29.96 -28.96
C PHE C 443 13.63 -28.95 -28.68
N PHE C 444 12.40 -29.23 -29.12
CA PHE C 444 11.30 -28.28 -28.95
C PHE C 444 10.34 -28.62 -27.83
N LEU C 445 10.46 -29.81 -27.23
CA LEU C 445 9.65 -30.13 -26.06
C LEU C 445 10.05 -29.28 -24.86
N GLN C 446 11.18 -28.57 -24.96
CA GLN C 446 11.62 -27.65 -23.93
C GLN C 446 10.58 -26.56 -23.69
N CYS C 447 9.98 -26.04 -24.76
CA CYS C 447 8.99 -24.97 -24.64
C CYS C 447 7.78 -25.43 -23.86
N CYS C 448 7.47 -26.73 -23.91
CA CYS C 448 6.37 -27.27 -23.13
C CYS C 448 6.79 -27.62 -21.70
N ILE C 449 8.02 -28.10 -21.53
CA ILE C 449 8.47 -28.56 -20.21
C ILE C 449 8.68 -27.36 -19.29
N HIS C 450 9.23 -26.26 -19.80
CA HIS C 450 9.56 -25.13 -18.94
C HIS C 450 8.40 -24.61 -18.10
N PRO C 451 7.21 -24.33 -18.67
CA PRO C 451 6.11 -23.82 -17.82
C PRO C 451 5.69 -24.78 -16.73
N TYR C 452 5.70 -26.08 -16.99
CA TYR C 452 5.32 -27.02 -15.94
C TYR C 452 6.34 -27.04 -14.81
N VAL C 453 7.62 -27.10 -15.16
CA VAL C 453 8.65 -27.25 -14.13
C VAL C 453 8.80 -25.97 -13.31
N TYR C 454 8.76 -24.80 -13.94
CA TYR C 454 9.05 -23.57 -13.22
C TYR C 454 7.84 -22.72 -12.89
N GLY C 455 6.66 -23.05 -13.41
CA GLY C 455 5.46 -22.34 -13.02
C GLY C 455 4.48 -23.16 -12.21
N TYR C 456 4.28 -24.42 -12.60
CA TYR C 456 3.24 -25.26 -12.01
C TYR C 456 3.73 -26.09 -10.83
N MET C 457 5.04 -26.09 -10.56
CA MET C 457 5.59 -26.77 -9.40
C MET C 457 5.81 -25.82 -8.24
N HIS C 458 5.41 -24.56 -8.37
CA HIS C 458 5.44 -23.60 -7.29
C HIS C 458 4.05 -23.54 -6.66
N LYS C 459 4.00 -23.54 -5.33
CA LYS C 459 2.73 -23.67 -4.63
C LYS C 459 1.79 -22.50 -4.94
N THR C 460 2.27 -21.27 -4.76
CA THR C 460 1.41 -20.11 -4.92
C THR C 460 0.96 -19.93 -6.36
N ILE C 461 1.87 -20.10 -7.32
CA ILE C 461 1.52 -19.94 -8.73
C ILE C 461 0.52 -21.01 -9.14
N LYS C 462 0.71 -22.24 -8.66
CA LYS C 462 -0.25 -23.31 -8.94
C LYS C 462 -1.62 -22.96 -8.39
N LYS C 463 -1.66 -22.46 -7.16
CA LYS C 463 -2.94 -22.08 -6.50
C LYS C 463 -3.65 -21.01 -7.34
N GLU C 464 -2.91 -19.96 -7.74
CA GLU C 464 -3.50 -18.87 -8.50
C GLU C 464 -4.01 -19.33 -9.85
N ILE C 465 -3.22 -20.16 -10.55
CA ILE C 465 -3.64 -20.68 -11.84
C ILE C 465 -4.91 -21.50 -11.69
N GLN C 466 -4.97 -22.37 -10.67
CA GLN C 466 -6.16 -23.19 -10.47
C GLN C 466 -7.37 -22.34 -10.18
N ASP C 467 -7.22 -21.31 -9.34
CA ASP C 467 -8.35 -20.44 -9.03
C ASP C 467 -8.86 -19.73 -10.28
N MET C 468 -7.94 -19.18 -11.09
CA MET C 468 -8.36 -18.47 -12.30
C MET C 468 -9.07 -19.40 -13.26
N LEU C 469 -8.47 -20.56 -13.52
CA LEU C 469 -9.06 -21.54 -14.49
C LEU C 469 -10.41 -22.05 -13.99
N LYS C 470 -10.51 -22.43 -12.72
CA LYS C 470 -11.80 -22.93 -12.15
C LYS C 470 -12.87 -21.83 -12.31
N LYS C 471 -12.52 -20.58 -12.01
CA LYS C 471 -13.49 -19.46 -12.09
C LYS C 471 -13.94 -19.28 -13.55
N PHE C 472 -12.99 -19.11 -14.47
CA PHE C 472 -13.36 -18.92 -15.88
C PHE C 472 -14.24 -20.08 -16.37
N PHE C 473 -13.92 -21.30 -15.93
CA PHE C 473 -14.70 -22.50 -16.34
C PHE C 473 -15.76 -22.81 -15.28
N VAL D 39 10.74 32.85 5.25
CA VAL D 39 11.07 32.57 3.85
C VAL D 39 11.89 33.71 3.29
N GLN D 40 13.04 33.39 2.69
CA GLN D 40 13.95 34.41 2.19
C GLN D 40 14.65 33.89 0.95
N LEU D 41 14.74 34.75 -0.06
CA LEU D 41 15.53 34.51 -1.27
C LEU D 41 16.42 35.72 -1.50
N VAL D 42 17.71 35.48 -1.65
CA VAL D 42 18.70 36.56 -1.79
C VAL D 42 19.50 36.33 -3.07
N GLU D 43 19.65 37.37 -3.87
CA GLU D 43 20.34 37.29 -5.16
C GLU D 43 21.71 37.94 -5.06
N SER D 44 22.71 37.29 -5.65
CA SER D 44 24.07 37.78 -5.68
C SER D 44 24.62 37.71 -7.09
N GLY D 45 25.46 38.67 -7.42
CA GLY D 45 26.04 38.79 -8.74
C GLY D 45 25.55 40.02 -9.48
N GLY D 46 26.27 40.38 -10.53
CA GLY D 46 25.91 41.53 -11.33
C GLY D 46 27.00 42.59 -11.39
N GLY D 47 26.60 43.84 -11.66
CA GLY D 47 27.53 44.94 -11.78
C GLY D 47 27.53 45.52 -13.18
N LEU D 48 28.73 45.81 -13.68
CA LEU D 48 28.92 46.38 -15.01
C LEU D 48 29.83 45.46 -15.81
N VAL D 49 29.35 45.00 -16.96
CA VAL D 49 30.05 44.02 -17.77
C VAL D 49 30.21 44.56 -19.19
N GLN D 50 31.32 44.18 -19.84
CA GLN D 50 31.60 44.53 -21.23
C GLN D 50 30.89 43.57 -22.17
N PRO D 51 30.56 44.01 -23.39
CA PRO D 51 29.94 43.12 -24.36
C PRO D 51 30.86 41.96 -24.71
N GLY D 52 30.25 40.80 -24.94
CA GLY D 52 30.98 39.59 -25.25
C GLY D 52 31.55 38.86 -24.06
N GLY D 53 31.21 39.28 -22.84
CA GLY D 53 31.72 38.67 -21.63
C GLY D 53 30.85 37.54 -21.11
N SER D 54 31.00 37.25 -19.82
CA SER D 54 30.23 36.21 -19.17
C SER D 54 30.06 36.57 -17.69
N ARG D 55 29.03 36.01 -17.07
CA ARG D 55 28.75 36.31 -15.65
C ARG D 55 27.95 35.16 -15.05
N LYS D 56 27.92 35.08 -13.72
CA LYS D 56 27.18 34.08 -12.99
C LYS D 56 26.38 34.75 -11.88
N LEU D 57 25.14 34.29 -11.70
CA LEU D 57 24.22 34.83 -10.71
C LEU D 57 23.76 33.71 -9.78
N SER D 58 23.68 34.03 -8.49
CA SER D 58 23.35 33.04 -7.47
C SER D 58 22.09 33.46 -6.70
N CYS D 59 21.30 32.47 -6.32
CA CYS D 59 20.06 32.67 -5.57
C CYS D 59 20.10 31.76 -4.37
N SER D 60 20.18 32.34 -3.17
CA SER D 60 20.27 31.59 -1.92
C SER D 60 18.93 31.64 -1.20
N ALA D 61 18.39 30.47 -0.87
CA ALA D 61 17.08 30.35 -0.24
C ALA D 61 17.24 29.84 1.18
N SER D 62 16.54 30.50 2.12
CA SER D 62 16.60 30.12 3.52
C SER D 62 15.22 30.30 4.15
N GLY D 63 14.74 29.26 4.82
CA GLY D 63 13.47 29.32 5.52
C GLY D 63 12.38 28.42 4.99
N PHE D 64 12.65 27.64 3.95
CA PHE D 64 11.64 26.74 3.40
C PHE D 64 12.34 25.57 2.72
N ALA D 65 11.55 24.52 2.45
CA ALA D 65 12.07 23.31 1.83
C ALA D 65 12.42 23.55 0.37
N PHE D 66 13.69 23.86 0.09
CA PHE D 66 14.10 24.29 -1.24
C PHE D 66 13.92 23.19 -2.27
N SER D 67 14.06 21.92 -1.88
CA SER D 67 14.08 20.84 -2.84
C SER D 67 12.69 20.48 -3.39
N SER D 68 11.63 20.92 -2.72
CA SER D 68 10.28 20.58 -3.14
C SER D 68 9.65 21.59 -4.08
N PHE D 69 10.38 22.63 -4.47
CA PHE D 69 9.85 23.72 -5.28
C PHE D 69 10.57 23.77 -6.63
N GLY D 70 9.83 24.19 -7.65
CA GLY D 70 10.43 24.61 -8.90
C GLY D 70 10.77 26.09 -8.87
N MET D 71 11.76 26.49 -9.65
CA MET D 71 12.28 27.84 -9.59
C MET D 71 12.28 28.48 -10.98
N HIS D 72 12.05 29.79 -10.99
CA HIS D 72 12.01 30.58 -12.22
C HIS D 72 12.89 31.82 -12.08
N TRP D 73 13.44 32.26 -13.21
CA TRP D 73 14.08 33.56 -13.34
C TRP D 73 13.17 34.49 -14.13
N VAL D 74 12.98 35.71 -13.62
CA VAL D 74 12.14 36.70 -14.31
C VAL D 74 12.89 38.03 -14.36
N ARG D 75 13.08 38.56 -15.56
CA ARG D 75 13.83 39.80 -15.73
C ARG D 75 12.90 40.97 -16.00
N GLN D 76 13.39 42.17 -15.68
CA GLN D 76 12.65 43.41 -15.92
C GLN D 76 13.60 44.47 -16.44
N ALA D 77 13.28 45.04 -17.59
CA ALA D 77 14.08 46.09 -18.21
C ALA D 77 14.00 47.36 -17.38
N PRO D 78 14.94 48.29 -17.57
CA PRO D 78 14.94 49.51 -16.75
C PRO D 78 13.63 50.29 -16.78
N GLU D 79 12.96 50.37 -17.92
CA GLU D 79 11.71 51.13 -18.03
C GLU D 79 10.69 50.37 -18.87
N LYS D 80 10.59 49.06 -18.67
CA LYS D 80 9.62 48.23 -19.39
C LYS D 80 8.98 47.25 -18.41
N GLY D 81 8.29 46.26 -18.97
CA GLY D 81 7.62 45.25 -18.17
C GLY D 81 8.53 44.08 -17.85
N LEU D 82 7.90 42.97 -17.45
CA LEU D 82 8.62 41.78 -17.06
C LEU D 82 8.73 40.79 -18.23
N GLU D 83 9.65 39.84 -18.10
CA GLU D 83 9.89 38.86 -19.15
C GLU D 83 10.43 37.58 -18.51
N TRP D 84 9.69 36.49 -18.63
CA TRP D 84 10.13 35.20 -18.10
C TRP D 84 11.35 34.71 -18.86
N VAL D 85 12.29 34.09 -18.12
CA VAL D 85 13.60 33.76 -18.69
C VAL D 85 13.84 32.26 -18.72
N ALA D 86 13.87 31.62 -17.54
CA ALA D 86 14.22 30.21 -17.48
C ALA D 86 13.52 29.54 -16.31
N TYR D 87 13.30 28.23 -16.45
CA TYR D 87 12.58 27.46 -15.44
C TYR D 87 13.29 26.14 -15.20
N ILE D 88 13.49 25.81 -13.91
CA ILE D 88 14.09 24.56 -13.46
C ILE D 88 13.08 23.87 -12.53
N SER D 89 12.83 22.59 -12.78
CA SER D 89 11.80 21.88 -12.03
C SER D 89 12.37 21.33 -10.73
N SER D 90 11.60 20.50 -10.05
CA SER D 90 12.03 19.86 -8.81
C SER D 90 12.62 18.49 -9.13
N GLY D 91 13.82 18.23 -8.61
CA GLY D 91 14.56 17.06 -9.00
C GLY D 91 15.36 17.21 -10.28
N SER D 92 15.37 18.40 -10.86
CA SER D 92 16.16 18.70 -12.07
C SER D 92 15.79 17.79 -13.24
N GLY D 93 14.52 17.39 -13.32
CA GLY D 93 14.04 16.55 -14.39
C GLY D 93 13.44 17.29 -15.56
N THR D 94 13.39 18.61 -15.53
CA THR D 94 12.80 19.39 -16.61
C THR D 94 13.41 20.78 -16.61
N ILE D 95 13.72 21.28 -17.81
CA ILE D 95 14.33 22.60 -17.95
C ILE D 95 13.69 23.30 -19.14
N TYR D 96 13.34 24.57 -18.96
CA TYR D 96 12.76 25.36 -20.05
C TYR D 96 13.48 26.69 -20.17
N TYR D 97 13.67 27.15 -21.41
CA TYR D 97 14.35 28.40 -21.69
C TYR D 97 13.50 29.26 -22.63
N ALA D 98 13.71 30.57 -22.56
CA ALA D 98 13.10 31.46 -23.52
C ALA D 98 13.82 31.37 -24.85
N ASP D 99 13.10 31.69 -25.93
CA ASP D 99 13.67 31.55 -27.26
C ASP D 99 14.81 32.52 -27.52
N THR D 100 14.83 33.67 -26.83
CA THR D 100 15.88 34.67 -27.03
C THR D 100 17.16 34.35 -26.27
N VAL D 101 17.12 33.41 -25.32
CA VAL D 101 18.29 33.07 -24.53
C VAL D 101 18.51 31.56 -24.56
N LYS D 102 18.09 30.91 -25.64
CA LYS D 102 18.13 29.45 -25.71
C LYS D 102 19.56 28.92 -25.67
N GLY D 103 20.46 29.53 -26.43
CA GLY D 103 21.83 29.05 -26.54
C GLY D 103 22.86 29.84 -25.76
N ARG D 104 22.46 30.67 -24.80
CA ARG D 104 23.39 31.53 -24.10
C ARG D 104 23.35 31.36 -22.58
N PHE D 105 22.21 31.02 -22.00
CA PHE D 105 22.06 30.95 -20.56
C PHE D 105 21.90 29.50 -20.11
N THR D 106 22.37 29.23 -18.89
CA THR D 106 22.26 27.91 -18.28
C THR D 106 21.76 28.04 -16.85
N ILE D 107 20.94 27.08 -16.42
CA ILE D 107 20.34 27.10 -15.09
C ILE D 107 20.68 25.80 -14.38
N SER D 108 20.91 25.87 -13.06
CA SER D 108 21.31 24.69 -12.31
C SER D 108 20.90 24.86 -10.85
N ARG D 109 20.91 23.73 -10.13
CA ARG D 109 20.53 23.69 -8.72
C ARG D 109 21.66 23.08 -7.89
N ASP D 110 21.63 23.38 -6.60
CA ASP D 110 22.48 22.76 -5.59
C ASP D 110 21.59 22.54 -4.37
N ASP D 111 20.94 21.36 -4.33
CA ASP D 111 19.99 21.07 -3.26
C ASP D 111 20.65 20.97 -1.88
N PRO D 112 21.76 20.25 -1.69
CA PRO D 112 22.36 20.20 -0.35
C PRO D 112 22.75 21.57 0.20
N LYS D 113 23.23 22.46 -0.65
CA LYS D 113 23.60 23.81 -0.23
C LYS D 113 22.48 24.82 -0.42
N ASN D 114 21.34 24.42 -0.98
CA ASN D 114 20.18 25.28 -1.15
C ASN D 114 20.52 26.53 -1.98
N THR D 115 20.91 26.30 -3.24
CA THR D 115 21.32 27.41 -4.08
C THR D 115 20.86 27.17 -5.51
N LEU D 116 20.59 28.25 -6.23
CA LEU D 116 20.22 28.22 -7.63
C LEU D 116 21.20 29.07 -8.44
N PHE D 117 21.63 28.57 -9.59
CA PHE D 117 22.68 29.20 -10.38
C PHE D 117 22.19 29.51 -11.78
N LEU D 118 22.54 30.71 -12.27
CA LEU D 118 22.32 31.09 -13.67
C LEU D 118 23.65 31.55 -14.25
N GLN D 119 24.10 30.87 -15.30
CA GLN D 119 25.33 31.21 -16.00
C GLN D 119 24.98 31.89 -17.32
N MET D 120 25.54 33.08 -17.54
CA MET D 120 25.23 33.89 -18.70
C MET D 120 26.48 34.10 -19.53
N THR D 121 26.35 33.93 -20.85
CA THR D 121 27.48 33.96 -21.77
C THR D 121 27.20 34.93 -22.91
N SER D 122 28.24 35.68 -23.32
CA SER D 122 28.18 36.59 -24.46
C SER D 122 27.08 37.63 -24.28
N LEU D 123 27.26 38.47 -23.25
CA LEU D 123 26.24 39.42 -22.86
C LEU D 123 26.14 40.55 -23.88
N ARG D 124 24.96 40.68 -24.49
CA ARG D 124 24.68 41.76 -25.43
C ARG D 124 24.20 42.99 -24.67
N SER D 125 23.70 43.98 -25.40
CA SER D 125 23.16 45.18 -24.77
C SER D 125 21.68 45.06 -24.41
N GLU D 126 21.02 44.00 -24.87
CA GLU D 126 19.62 43.76 -24.55
C GLU D 126 19.44 42.91 -23.30
N ASP D 127 20.54 42.51 -22.65
CA ASP D 127 20.50 41.72 -21.44
C ASP D 127 20.80 42.55 -20.20
N THR D 128 20.48 43.85 -20.23
CA THR D 128 20.65 44.73 -19.08
C THR D 128 19.29 44.89 -18.40
N ALA D 129 19.05 44.06 -17.39
CA ALA D 129 17.77 44.05 -16.71
C ALA D 129 17.98 43.59 -15.27
N MET D 130 17.01 43.90 -14.42
CA MET D 130 17.02 43.42 -13.05
C MET D 130 16.37 42.04 -13.00
N TYR D 131 17.05 41.09 -12.35
CA TYR D 131 16.63 39.69 -12.34
C TYR D 131 16.03 39.33 -10.99
N TYR D 132 14.92 38.58 -11.04
CA TYR D 132 14.17 38.16 -9.86
C TYR D 132 14.12 36.64 -9.80
N CYS D 133 14.21 36.11 -8.59
CA CYS D 133 14.15 34.68 -8.31
C CYS D 133 12.77 34.35 -7.76
N VAL D 134 12.09 33.40 -8.39
CA VAL D 134 10.71 33.07 -8.00
C VAL D 134 10.61 31.57 -7.72
N ARG D 135 9.74 31.21 -6.79
CA ARG D 135 9.45 29.83 -6.46
C ARG D 135 8.01 29.49 -6.86
N SER D 136 7.77 28.20 -7.10
CA SER D 136 6.43 27.75 -7.44
C SER D 136 6.33 26.25 -7.21
N ILE D 137 5.21 25.80 -6.65
CA ILE D 137 4.97 24.39 -6.37
C ILE D 137 3.66 23.97 -7.03
N TYR D 138 3.66 22.81 -7.68
CA TYR D 138 2.54 22.36 -8.48
C TYR D 138 2.00 21.03 -7.95
N TYR D 139 0.74 21.06 -7.51
CA TYR D 139 -0.05 19.86 -7.24
C TYR D 139 -1.51 20.29 -7.24
N TYR D 140 -2.41 19.41 -6.79
CA TYR D 140 -3.83 19.74 -6.81
C TYR D 140 -4.14 20.80 -5.76
N GLY D 141 -4.46 22.01 -6.22
CA GLY D 141 -4.86 23.08 -5.33
C GLY D 141 -3.78 24.03 -4.90
N SER D 142 -2.57 23.92 -5.44
CA SER D 142 -1.47 24.78 -5.04
C SER D 142 -1.60 26.15 -5.70
N SER D 143 -0.68 27.05 -5.35
CA SER D 143 -0.65 28.41 -5.88
C SER D 143 0.77 28.76 -6.29
N PRO D 144 1.11 28.62 -7.57
CA PRO D 144 2.47 28.95 -8.02
C PRO D 144 2.74 30.45 -7.95
N PHE D 145 4.04 30.78 -8.01
CA PHE D 145 4.51 32.17 -8.08
C PHE D 145 4.11 32.98 -6.86
N ASP D 146 4.20 32.39 -5.67
CA ASP D 146 3.71 33.02 -4.46
C ASP D 146 4.82 33.65 -3.60
N PHE D 147 6.04 33.73 -4.10
CA PHE D 147 7.09 34.47 -3.40
C PHE D 147 8.16 34.89 -4.38
N TRP D 148 8.53 36.17 -4.33
CA TRP D 148 9.57 36.74 -5.19
C TRP D 148 10.71 37.27 -4.34
N GLY D 149 11.91 37.22 -4.90
CA GLY D 149 13.08 37.75 -4.24
C GLY D 149 13.16 39.26 -4.36
N GLN D 150 14.30 39.80 -3.94
CA GLN D 150 14.54 41.23 -4.05
C GLN D 150 15.18 41.61 -5.37
N GLY D 151 16.08 40.78 -5.87
CA GLY D 151 16.65 40.98 -7.19
C GLY D 151 18.06 41.56 -7.15
N THR D 152 18.73 41.45 -8.28
CA THR D 152 20.05 42.04 -8.49
C THR D 152 20.07 42.74 -9.83
N THR D 153 20.96 43.72 -9.96
CA THR D 153 21.02 44.57 -11.15
C THR D 153 22.28 44.27 -11.95
N LEU D 154 22.13 44.16 -13.26
CA LEU D 154 23.23 43.90 -14.18
C LEU D 154 23.15 44.90 -15.33
N THR D 155 24.30 45.47 -15.70
CA THR D 155 24.36 46.44 -16.79
C THR D 155 25.46 46.04 -17.75
N VAL D 156 25.19 46.22 -19.05
CA VAL D 156 26.16 45.97 -20.10
C VAL D 156 26.33 47.24 -20.91
N SER D 157 27.58 47.65 -21.12
CA SER D 157 27.89 48.88 -21.83
C SER D 157 27.76 48.66 -23.33
N ALA D 158 28.16 49.65 -24.12
CA ALA D 158 28.05 49.58 -25.58
C ALA D 158 29.33 49.00 -26.18
N SER D 173 6.89 33.19 -34.49
CA SER D 173 6.65 32.32 -33.35
C SER D 173 5.16 32.30 -32.99
N ALA D 174 4.60 31.09 -32.89
CA ALA D 174 3.19 30.91 -32.54
C ALA D 174 3.09 30.76 -31.03
N ASP D 175 2.87 31.88 -30.34
CA ASP D 175 2.71 31.88 -28.90
C ASP D 175 1.62 32.86 -28.52
N ILE D 176 1.06 32.66 -27.31
CA ILE D 176 -0.03 33.50 -26.84
C ILE D 176 0.50 34.90 -26.53
N VAL D 177 -0.33 35.91 -26.80
CA VAL D 177 0.00 37.29 -26.52
C VAL D 177 -1.10 37.89 -25.63
N MET D 178 -0.71 38.71 -24.66
CA MET D 178 -1.64 39.33 -23.74
C MET D 178 -1.56 40.84 -23.89
N THR D 179 -2.73 41.49 -23.88
CA THR D 179 -2.84 42.92 -24.09
C THR D 179 -3.55 43.56 -22.90
N GLN D 180 -2.96 44.62 -22.37
CA GLN D 180 -3.58 45.40 -21.31
C GLN D 180 -4.40 46.52 -21.93
N ALA D 181 -5.54 46.84 -21.31
CA ALA D 181 -6.47 47.82 -21.86
C ALA D 181 -5.84 49.21 -21.98
N THR D 182 -5.52 49.82 -20.84
CA THR D 182 -4.93 51.16 -20.80
C THR D 182 -3.68 51.13 -19.93
N SER D 183 -2.81 52.09 -20.17
CA SER D 183 -1.55 52.19 -19.44
C SER D 183 -1.61 53.13 -18.24
N SER D 184 -2.76 53.77 -17.99
CA SER D 184 -2.89 54.67 -16.86
C SER D 184 -4.36 54.76 -16.47
N VAL D 185 -4.61 54.99 -15.19
CA VAL D 185 -5.96 55.13 -14.66
C VAL D 185 -5.95 56.17 -13.55
N PRO D 186 -6.54 57.35 -13.77
CA PRO D 186 -6.64 58.36 -12.70
C PRO D 186 -7.88 58.12 -11.84
N VAL D 187 -7.66 57.83 -10.56
CA VAL D 187 -8.74 57.56 -9.61
C VAL D 187 -8.42 58.23 -8.28
N THR D 188 -9.41 58.21 -7.39
CA THR D 188 -9.36 58.85 -6.09
C THR D 188 -9.59 57.82 -4.99
N PRO D 189 -9.12 58.09 -3.77
CA PRO D 189 -9.34 57.14 -2.67
C PRO D 189 -10.81 56.98 -2.34
N GLY D 190 -11.17 55.77 -1.91
CA GLY D 190 -12.50 55.47 -1.45
C GLY D 190 -13.46 54.90 -2.48
N GLU D 191 -13.12 54.99 -3.77
CA GLU D 191 -14.00 54.53 -4.83
C GLU D 191 -13.54 53.19 -5.37
N SER D 192 -14.18 52.72 -6.43
CA SER D 192 -13.91 51.42 -7.03
C SER D 192 -13.20 51.60 -8.37
N VAL D 193 -12.29 50.67 -8.66
CA VAL D 193 -11.48 50.71 -9.87
C VAL D 193 -11.59 49.35 -10.55
N SER D 194 -11.43 49.35 -11.87
CA SER D 194 -11.50 48.13 -12.66
C SER D 194 -10.42 48.15 -13.74
N ILE D 195 -9.75 47.00 -13.90
CA ILE D 195 -8.67 46.84 -14.88
C ILE D 195 -9.01 45.66 -15.78
N SER D 196 -8.57 45.73 -17.03
CA SER D 196 -8.92 44.75 -18.04
C SER D 196 -7.69 44.15 -18.69
N CYS D 197 -7.78 42.87 -19.04
CA CYS D 197 -6.74 42.13 -19.75
C CYS D 197 -7.41 41.30 -20.84
N ARG D 198 -6.71 41.12 -21.96
CA ARG D 198 -7.25 40.36 -23.08
C ARG D 198 -6.18 39.45 -23.63
N SER D 199 -6.62 38.35 -24.27
CA SER D 199 -5.73 37.34 -24.81
C SER D 199 -6.13 36.99 -26.23
N SER D 200 -5.20 36.40 -26.97
CA SER D 200 -5.45 35.95 -28.34
C SER D 200 -5.85 34.50 -28.42
N LYS D 201 -5.98 33.81 -27.28
CA LYS D 201 -6.38 32.41 -27.26
C LYS D 201 -7.28 32.16 -26.07
N SER D 202 -8.08 31.11 -26.16
CA SER D 202 -8.99 30.75 -25.07
C SER D 202 -8.21 30.05 -23.98
N LEU D 203 -7.95 30.76 -22.88
CA LEU D 203 -7.16 30.20 -21.78
C LEU D 203 -7.89 29.10 -21.03
N LEU D 204 -9.19 28.92 -21.26
CA LEU D 204 -9.92 27.83 -20.62
C LEU D 204 -9.50 26.48 -21.20
N HIS D 205 -9.21 25.52 -20.33
CA HIS D 205 -8.82 24.18 -20.73
C HIS D 205 -9.99 23.22 -20.60
N SER D 206 -9.76 21.98 -21.04
CA SER D 206 -10.82 20.98 -21.04
C SER D 206 -11.21 20.57 -19.63
N ASN D 207 -10.24 20.50 -18.71
CA ASN D 207 -10.53 20.07 -17.35
C ASN D 207 -11.45 21.06 -16.64
N GLY D 208 -11.24 22.35 -16.86
CA GLY D 208 -12.09 23.35 -16.25
C GLY D 208 -11.34 24.54 -15.66
N ASN D 209 -10.02 24.56 -15.82
CA ASN D 209 -9.21 25.65 -15.33
C ASN D 209 -9.02 26.72 -16.40
N THR D 210 -8.57 27.90 -15.97
CA THR D 210 -8.37 29.01 -16.89
C THR D 210 -6.93 29.50 -16.96
N TYR D 211 -6.16 29.40 -15.88
CA TYR D 211 -4.73 29.75 -15.89
C TYR D 211 -4.51 31.22 -16.25
N LEU D 212 -5.00 32.09 -15.38
CA LEU D 212 -4.76 33.53 -15.47
C LEU D 212 -4.30 34.04 -14.11
N TYR D 213 -3.25 34.85 -14.10
CA TYR D 213 -2.65 35.34 -12.85
C TYR D 213 -2.58 36.86 -12.88
N TRP D 214 -2.87 37.48 -11.74
CA TRP D 214 -2.78 38.92 -11.55
C TRP D 214 -1.71 39.20 -10.49
N PHE D 215 -0.70 40.00 -10.87
CA PHE D 215 0.37 40.46 -10.00
C PHE D 215 0.31 41.98 -9.84
N LEU D 216 0.79 42.46 -8.70
CA LEU D 216 0.91 43.89 -8.42
C LEU D 216 2.34 44.21 -8.00
N GLN D 217 2.87 45.31 -8.52
CA GLN D 217 4.19 45.79 -8.14
C GLN D 217 4.06 47.22 -7.63
N ARG D 218 4.42 47.44 -6.38
CA ARG D 218 4.42 48.74 -5.74
C ARG D 218 5.70 49.49 -6.07
N PRO D 219 5.70 50.82 -5.96
CA PRO D 219 6.89 51.60 -6.34
C PRO D 219 8.09 51.24 -5.47
N GLY D 220 9.21 50.95 -6.11
CA GLY D 220 10.42 50.57 -5.42
C GLY D 220 10.31 49.29 -4.62
N GLN D 221 9.72 48.26 -5.21
CA GLN D 221 9.53 46.99 -4.54
C GLN D 221 9.55 45.88 -5.57
N SER D 222 9.10 44.69 -5.18
CA SER D 222 9.05 43.52 -6.04
C SER D 222 7.62 43.07 -6.25
N PRO D 223 7.32 42.40 -7.37
CA PRO D 223 5.95 41.94 -7.61
C PRO D 223 5.51 40.93 -6.57
N GLN D 224 4.21 40.94 -6.28
CA GLN D 224 3.62 40.01 -5.34
C GLN D 224 2.35 39.42 -5.95
N LEU D 225 2.04 38.19 -5.56
CA LEU D 225 0.87 37.52 -6.11
C LEU D 225 -0.40 38.13 -5.56
N LEU D 226 -1.36 38.40 -6.45
CA LEU D 226 -2.69 38.83 -6.06
C LEU D 226 -3.74 37.77 -6.37
N ILE D 227 -3.85 37.35 -7.63
CA ILE D 227 -4.89 36.41 -8.03
C ILE D 227 -4.26 35.28 -8.84
N TYR D 228 -4.64 34.04 -8.54
CA TYR D 228 -4.19 32.90 -9.32
C TYR D 228 -5.38 32.12 -9.86
N ARG D 229 -5.29 31.72 -11.12
CA ARG D 229 -6.34 30.98 -11.84
C ARG D 229 -7.66 31.75 -11.88
N MET D 230 -7.55 33.09 -11.91
CA MET D 230 -8.60 34.01 -12.34
C MET D 230 -9.73 34.19 -11.32
N SER D 231 -9.81 33.34 -10.30
CA SER D 231 -10.88 33.53 -9.32
C SER D 231 -10.48 33.22 -7.89
N ASN D 232 -9.18 33.14 -7.58
CA ASN D 232 -8.72 32.71 -6.27
C ASN D 232 -7.85 33.78 -5.65
N LEU D 233 -8.11 34.10 -4.39
CA LEU D 233 -7.30 35.08 -3.67
C LEU D 233 -6.03 34.43 -3.13
N ALA D 234 -4.99 35.23 -3.00
CA ALA D 234 -3.71 34.75 -2.50
C ALA D 234 -3.80 34.48 -1.00
N SER D 235 -2.65 34.17 -0.40
CA SER D 235 -2.63 33.73 0.99
C SER D 235 -3.05 34.85 1.94
N GLY D 236 -2.44 36.03 1.81
CA GLY D 236 -2.71 37.11 2.75
C GLY D 236 -3.17 38.40 2.11
N VAL D 237 -3.67 38.31 0.88
CA VAL D 237 -4.13 39.48 0.13
C VAL D 237 -5.45 39.95 0.71
N PRO D 238 -5.67 41.26 0.84
CA PRO D 238 -6.95 41.75 1.38
C PRO D 238 -8.13 41.33 0.52
N ASP D 239 -9.27 41.14 1.20
CA ASP D 239 -10.48 40.63 0.55
C ASP D 239 -11.02 41.60 -0.51
N ARG D 240 -10.62 42.87 -0.46
CA ARG D 240 -11.21 43.88 -1.35
C ARG D 240 -11.01 43.54 -2.82
N PHE D 241 -9.89 42.90 -3.16
CA PHE D 241 -9.60 42.57 -4.55
C PHE D 241 -10.50 41.44 -5.04
N SER D 242 -10.84 41.47 -6.32
CA SER D 242 -11.63 40.41 -6.93
C SER D 242 -11.22 40.25 -8.39
N GLY D 243 -11.50 39.08 -8.93
CA GLY D 243 -11.16 38.79 -10.32
C GLY D 243 -12.28 38.03 -11.00
N SER D 244 -12.41 38.23 -12.30
CA SER D 244 -13.45 37.57 -13.08
C SER D 244 -13.01 37.51 -14.54
N GLY D 245 -13.71 36.70 -15.31
CA GLY D 245 -13.37 36.56 -16.71
C GLY D 245 -14.39 35.68 -17.41
N SER D 246 -14.14 35.47 -18.71
CA SER D 246 -15.04 34.67 -19.53
C SER D 246 -14.32 33.74 -20.50
N GLY D 247 -13.00 33.67 -20.47
CA GLY D 247 -12.26 32.82 -21.40
C GLY D 247 -11.32 33.61 -22.28
N THR D 248 -11.73 34.83 -22.65
CA THR D 248 -10.90 35.70 -23.47
C THR D 248 -10.66 37.09 -22.86
N ALA D 249 -11.66 37.67 -22.18
CA ALA D 249 -11.51 38.97 -21.54
C ALA D 249 -11.59 38.78 -20.02
N PHE D 250 -10.69 39.44 -19.30
CA PHE D 250 -10.60 39.28 -17.86
C PHE D 250 -10.57 40.64 -17.19
N THR D 251 -11.11 40.71 -15.97
CA THR D 251 -11.27 41.97 -15.26
C THR D 251 -10.91 41.79 -13.78
N LEU D 252 -10.10 42.72 -13.28
CA LEU D 252 -9.73 42.78 -11.87
C LEU D 252 -10.39 44.01 -11.24
N THR D 253 -11.07 43.80 -10.12
CA THR D 253 -11.89 44.82 -9.48
C THR D 253 -11.36 45.14 -8.09
N ILE D 254 -11.19 46.42 -7.79
CA ILE D 254 -10.87 46.91 -6.46
C ILE D 254 -12.08 47.68 -5.95
N SER D 255 -12.61 47.27 -4.81
CA SER D 255 -13.88 47.81 -4.33
C SER D 255 -13.70 49.14 -3.61
N ARG D 256 -12.94 49.15 -2.51
CA ARG D 256 -12.75 50.33 -1.69
C ARG D 256 -11.27 50.71 -1.74
N LEU D 257 -10.93 51.55 -2.71
CA LEU D 257 -9.53 51.90 -2.95
C LEU D 257 -8.90 52.55 -1.72
N GLU D 258 -7.66 52.17 -1.43
CA GLU D 258 -6.91 52.75 -0.31
C GLU D 258 -5.58 53.30 -0.78
N ALA D 259 -4.73 53.71 0.15
CA ALA D 259 -3.48 54.36 -0.21
C ALA D 259 -2.42 53.39 -0.71
N GLU D 260 -2.52 52.11 -0.34
CA GLU D 260 -1.45 51.15 -0.62
C GLU D 260 -1.64 50.41 -1.94
N ASP D 261 -2.67 50.72 -2.72
CA ASP D 261 -2.90 50.06 -3.99
C ASP D 261 -2.12 50.69 -5.14
N VAL D 262 -1.36 51.76 -4.88
CA VAL D 262 -0.68 52.48 -5.94
C VAL D 262 0.47 51.64 -6.50
N GLY D 263 0.49 51.49 -7.82
CA GLY D 263 1.55 50.72 -8.46
C GLY D 263 1.12 50.29 -9.85
N VAL D 264 1.82 49.28 -10.36
CA VAL D 264 1.58 48.75 -11.70
C VAL D 264 1.03 47.34 -11.57
N TYR D 265 -0.01 47.03 -12.36
CA TYR D 265 -0.68 45.74 -12.31
C TYR D 265 -0.42 44.99 -13.61
N TYR D 266 -0.10 43.70 -13.49
CA TYR D 266 0.24 42.85 -14.62
C TYR D 266 -0.65 41.62 -14.62
N CYS D 267 -1.07 41.19 -15.81
CA CYS D 267 -1.67 39.88 -15.98
C CYS D 267 -0.67 38.92 -16.61
N MET D 268 -0.93 37.63 -16.47
CA MET D 268 -0.01 36.63 -17.00
C MET D 268 -0.77 35.33 -17.25
N GLN D 269 -0.30 34.56 -18.23
CA GLN D 269 -0.90 33.30 -18.60
C GLN D 269 0.04 32.15 -18.29
N HIS D 270 -0.53 30.96 -18.09
CA HIS D 270 0.22 29.72 -17.80
C HIS D 270 -0.47 28.54 -18.47
N LEU D 271 -1.04 28.76 -19.66
CA LEU D 271 -1.66 27.65 -20.43
C LEU D 271 -0.55 26.90 -21.16
N GLU D 272 0.47 27.64 -21.64
CA GLU D 272 1.62 27.05 -22.37
C GLU D 272 2.92 27.46 -21.68
N TYR D 273 4.05 26.87 -22.10
CA TYR D 273 5.36 27.11 -21.51
C TYR D 273 5.99 28.42 -21.97
N PRO D 274 5.87 28.82 -23.23
CA PRO D 274 6.22 30.19 -23.59
C PRO D 274 5.35 31.18 -22.81
N LEU D 275 5.94 31.76 -21.77
CA LEU D 275 5.16 32.62 -20.84
C LEU D 275 5.22 34.09 -21.24
N THR D 276 4.05 34.67 -21.51
CA THR D 276 3.93 36.11 -21.89
C THR D 276 3.30 36.86 -20.71
N PHE D 277 3.75 38.08 -20.46
CA PHE D 277 3.24 38.86 -19.29
C PHE D 277 2.36 40.03 -19.75
N GLY D 278 2.90 40.87 -20.63
CA GLY D 278 2.22 42.07 -21.08
C GLY D 278 2.89 43.33 -20.54
N ALA D 279 2.20 44.45 -20.73
CA ALA D 279 2.75 45.76 -20.44
C ALA D 279 2.37 46.30 -19.06
N GLY D 280 1.19 45.99 -18.56
CA GLY D 280 0.76 46.45 -17.26
C GLY D 280 0.02 47.77 -17.30
N THR D 281 -0.63 48.09 -16.19
CA THR D 281 -1.43 49.30 -16.06
C THR D 281 -1.07 50.01 -14.76
N LYS D 282 -0.81 51.31 -14.83
CA LYS D 282 -0.39 52.07 -13.66
C LYS D 282 -1.57 52.78 -13.01
N LEU D 283 -1.54 52.85 -11.68
CA LEU D 283 -2.55 53.57 -10.92
C LEU D 283 -1.87 54.70 -10.14
N GLU D 284 -2.45 55.88 -10.19
CA GLU D 284 -1.93 57.05 -9.48
C GLU D 284 -3.00 57.57 -8.52
N LEU D 285 -2.58 57.92 -7.32
CA LEU D 285 -3.49 58.44 -6.31
C LEU D 285 -3.48 59.97 -6.31
N ASN E 1 -15.97 3.02 50.94
CA ASN E 1 -15.68 1.71 51.57
C ASN E 1 -15.77 0.60 50.52
N THR E 2 -16.86 0.59 49.73
CA THR E 2 -17.06 -0.44 48.68
C THR E 2 -17.34 0.24 47.33
N ALA E 3 -16.58 -0.11 46.30
CA ALA E 3 -16.79 0.46 44.97
C ALA E 3 -17.87 -0.27 44.19
N SER E 4 -18.52 -1.27 44.78
CA SER E 4 -19.60 -1.99 44.14
C SER E 4 -20.97 -1.43 44.49
N ILE E 5 -21.05 -0.49 45.43
CA ILE E 5 -22.32 0.13 45.77
C ILE E 5 -22.51 1.48 45.09
N ALA E 6 -21.44 2.09 44.58
CA ALA E 6 -21.57 3.33 43.85
C ALA E 6 -21.78 3.11 42.36
N GLN E 7 -21.15 2.07 41.79
CA GLN E 7 -21.38 1.74 40.38
C GLN E 7 -22.72 1.05 40.16
N ALA E 8 -23.34 0.51 41.19
CA ALA E 8 -24.69 -0.02 41.11
C ALA E 8 -25.75 1.02 41.43
N ARG E 9 -25.34 2.23 41.84
CA ARG E 9 -26.25 3.33 42.12
C ARG E 9 -26.28 4.38 41.03
N LYS E 10 -25.12 4.71 40.44
CA LYS E 10 -25.10 5.63 39.30
C LYS E 10 -25.80 5.01 38.09
N LEU E 11 -25.61 3.70 37.89
CA LEU E 11 -26.29 3.03 36.79
C LEU E 11 -27.80 3.07 36.97
N VAL E 12 -28.28 2.91 38.21
CA VAL E 12 -29.71 2.98 38.47
C VAL E 12 -30.25 4.37 38.12
N GLU E 13 -29.52 5.42 38.50
CA GLU E 13 -29.96 6.77 38.19
C GLU E 13 -29.99 7.01 36.69
N GLN E 14 -28.93 6.56 35.98
CA GLN E 14 -28.88 6.74 34.53
C GLN E 14 -30.02 5.98 33.85
N LEU E 15 -30.31 4.77 34.30
CA LEU E 15 -31.40 3.99 33.74
C LEU E 15 -32.76 4.61 34.05
N LYS E 16 -32.89 5.22 35.23
CA LYS E 16 -34.14 5.91 35.58
C LYS E 16 -34.36 7.11 34.68
N MET E 17 -33.36 7.96 34.53
CA MET E 17 -33.50 9.17 33.72
C MET E 17 -33.63 8.85 32.23
N GLU E 18 -33.26 7.64 31.82
CA GLU E 18 -33.31 7.24 30.41
C GLU E 18 -34.69 6.81 29.96
N ALA E 19 -35.62 6.57 30.88
CA ALA E 19 -36.92 6.02 30.54
C ALA E 19 -37.98 7.08 30.26
N ASN E 20 -37.70 8.35 30.52
CA ASN E 20 -38.69 9.42 30.35
C ASN E 20 -38.42 10.16 29.05
N ILE E 21 -38.77 9.50 27.94
CA ILE E 21 -38.70 10.11 26.61
C ILE E 21 -40.03 9.87 25.89
N ASP E 22 -40.28 10.70 24.88
CA ASP E 22 -41.52 10.65 24.11
C ASP E 22 -41.32 9.72 22.92
N ARG E 23 -42.08 8.63 22.89
CA ARG E 23 -42.01 7.66 21.81
C ARG E 23 -43.23 7.78 20.90
N ILE E 24 -43.06 7.33 19.67
CA ILE E 24 -44.12 7.36 18.65
C ILE E 24 -44.32 5.96 18.11
N LYS E 25 -45.36 5.79 17.32
CA LYS E 25 -45.67 4.50 16.73
C LYS E 25 -44.64 4.13 15.66
N VAL E 26 -44.41 2.84 15.50
CA VAL E 26 -43.41 2.35 14.55
C VAL E 26 -43.86 2.65 13.12
N SER E 27 -45.16 2.57 12.86
CA SER E 27 -45.67 2.82 11.51
C SER E 27 -45.35 4.22 11.03
N LYS E 28 -45.42 5.20 11.94
CA LYS E 28 -45.07 6.57 11.57
C LYS E 28 -43.60 6.68 11.15
N ALA E 29 -42.71 6.03 11.89
CA ALA E 29 -41.29 6.07 11.54
C ALA E 29 -41.03 5.38 10.20
N ALA E 30 -41.67 4.24 9.98
CA ALA E 30 -41.50 3.54 8.70
C ALA E 30 -42.01 4.40 7.54
N ALA E 31 -43.17 5.03 7.73
CA ALA E 31 -43.72 5.90 6.68
C ALA E 31 -42.82 7.10 6.42
N ASP E 32 -42.23 7.66 7.48
CA ASP E 32 -41.31 8.78 7.31
C ASP E 32 -40.08 8.36 6.53
N LEU E 33 -39.52 7.19 6.84
CA LEU E 33 -38.36 6.71 6.10
C LEU E 33 -38.69 6.46 4.64
N MET E 34 -39.87 5.87 4.38
CA MET E 34 -40.31 5.59 2.99
C MET E 34 -40.52 6.92 2.25
N ALA E 35 -41.07 7.94 2.93
CA ALA E 35 -41.30 9.23 2.31
C ALA E 35 -39.98 9.92 1.96
N TYR E 36 -39.00 9.84 2.86
CA TYR E 36 -37.69 10.41 2.55
C TYR E 36 -37.05 9.69 1.38
N CYS E 37 -37.16 8.36 1.32
CA CYS E 37 -36.58 7.63 0.19
C CYS E 37 -37.29 7.96 -1.12
N GLU E 38 -38.59 8.23 -1.08
CA GLU E 38 -39.34 8.55 -2.29
C GLU E 38 -39.07 9.98 -2.75
N ALA E 39 -38.96 10.93 -1.83
CA ALA E 39 -38.70 12.32 -2.22
C ALA E 39 -37.34 12.47 -2.88
N HIS E 40 -36.32 11.81 -2.33
CA HIS E 40 -34.98 11.81 -2.89
C HIS E 40 -34.76 10.46 -3.55
N ALA E 41 -35.05 10.39 -4.86
CA ALA E 41 -34.87 9.15 -5.59
C ALA E 41 -34.15 9.41 -6.91
N LYS E 42 -34.20 10.65 -7.37
CA LYS E 42 -33.62 11.07 -8.64
C LYS E 42 -32.41 11.98 -8.42
N GLU E 43 -31.62 11.68 -7.39
CA GLU E 43 -30.43 12.48 -7.12
C GLU E 43 -29.22 11.64 -6.74
N ASP E 44 -29.31 10.31 -6.78
CA ASP E 44 -28.20 9.44 -6.42
C ASP E 44 -27.73 8.59 -7.59
N PRO E 45 -26.52 8.81 -8.10
CA PRO E 45 -26.06 8.05 -9.27
C PRO E 45 -25.87 6.56 -9.02
N LEU E 46 -25.76 6.13 -7.75
CA LEU E 46 -25.52 4.71 -7.50
C LEU E 46 -26.77 3.88 -7.76
N LEU E 47 -27.95 4.42 -7.43
CA LEU E 47 -29.19 3.67 -7.58
C LEU E 47 -29.65 3.65 -9.04
N THR E 48 -29.79 4.82 -9.65
CA THR E 48 -30.16 4.92 -11.06
C THR E 48 -28.91 5.17 -11.87
N PRO E 49 -28.48 4.23 -12.72
CA PRO E 49 -27.21 4.39 -13.45
C PRO E 49 -27.17 5.64 -14.31
N VAL E 50 -26.30 6.58 -13.94
CA VAL E 50 -26.12 7.84 -14.65
C VAL E 50 -25.50 7.51 -16.00
N PRO E 51 -25.82 8.25 -17.07
CA PRO E 51 -25.19 7.98 -18.36
C PRO E 51 -23.69 8.26 -18.31
N ALA E 52 -22.94 7.58 -19.17
CA ALA E 52 -21.49 7.67 -19.13
C ALA E 52 -21.00 8.94 -19.81
N SER E 53 -21.59 10.08 -19.44
CA SER E 53 -21.12 11.38 -19.88
C SER E 53 -21.06 12.41 -18.75
N GLU E 54 -21.79 12.22 -17.65
CA GLU E 54 -21.77 13.17 -16.54
C GLU E 54 -20.87 12.73 -15.40
N ASN E 55 -20.75 11.42 -15.15
CA ASN E 55 -19.88 10.96 -14.09
C ASN E 55 -18.41 11.14 -14.51
N PRO E 56 -17.53 11.46 -13.57
CA PRO E 56 -16.13 11.76 -13.92
C PRO E 56 -15.18 10.58 -13.86
N PHE E 57 -15.66 9.39 -13.51
CA PHE E 57 -14.80 8.21 -13.39
C PHE E 57 -14.82 7.33 -14.63
N ARG E 58 -15.49 7.75 -15.70
CA ARG E 58 -15.51 6.94 -16.92
C ARG E 58 -14.13 6.89 -17.54
#